data_8EVW
#
_entry.id   8EVW
#
_cell.length_a   47.273
_cell.length_b   123.615
_cell.length_c   53.582
_cell.angle_alpha   90.000
_cell.angle_beta   109.120
_cell.angle_gamma   90.000
#
_symmetry.space_group_name_H-M   'P 1 21 1'
#
loop_
_entity.id
_entity.type
_entity.pdbx_description
1 polymer 'D-alanine--D-alanine ligase A'
2 non-polymer "ADENOSINE-5'-TRIPHOSPHATE"
3 non-polymer D-ALANINE
4 non-polymer 'MAGNESIUM ION'
5 water water
#
_entity_poly.entity_id   1
_entity_poly.type   'polypeptide(L)'
_entity_poly.pdbx_seq_one_letter_code
;GMGQDKLKVAVLFGGSSEERDVSIASGAQVIQALRSAGHQVLAVDTASGLLGAEEERRLLASKVKEVPPDSDSLAIIRSG
KQSLLSAGELAGVDVFFLALHGGTGEDGTLQALLDAGGFAYTGSGHLASAMAMDKDVAKRLFLAAGVETASWLMAPASEE
EVREQLGFPLVVKPNSQGSTVGLSIVHSQAELQPAIELAGRYGDEVMLERFVAGREVTVGVLDDQALPVGEILLGGQEVF
DYEHKYQAGAVREVFPADLPPAIAAEAQRLALKVHRALKLSGYSRTDFRLDEQGRLWCLEVNTLPGMTATSLLPQAAAAA
GIGFAELCERICRLGIERCKGARKARS
;
_entity_poly.pdbx_strand_id   A,B
#
# COMPACT_ATOMS: atom_id res chain seq x y z
N LYS A 6 -12.00 6.93 -31.19
CA LYS A 6 -11.60 8.05 -30.36
C LYS A 6 -12.21 7.98 -28.99
N LEU A 7 -11.43 8.39 -28.01
CA LEU A 7 -11.82 8.33 -26.61
C LEU A 7 -12.26 9.70 -26.10
N LYS A 8 -12.99 9.67 -25.00
CA LYS A 8 -13.32 10.85 -24.25
C LYS A 8 -12.45 10.74 -22.99
N VAL A 9 -11.52 11.67 -22.83
CA VAL A 9 -10.54 11.61 -21.74
C VAL A 9 -10.72 12.81 -20.84
N ALA A 10 -10.74 12.59 -19.53
CA ALA A 10 -10.59 13.68 -18.57
C ALA A 10 -9.15 13.68 -18.07
N VAL A 11 -8.43 14.77 -18.28
CA VAL A 11 -7.04 14.88 -17.81
C VAL A 11 -7.09 15.60 -16.48
N LEU A 12 -6.76 14.87 -15.41
CA LEU A 12 -6.74 15.44 -14.08
C LEU A 12 -5.33 15.92 -13.75
N PHE A 13 -5.20 17.16 -13.31
CA PHE A 13 -3.86 17.70 -13.08
C PHE A 13 -3.92 18.74 -11.97
N GLY A 14 -2.76 19.29 -11.62
CA GLY A 14 -2.77 20.33 -10.61
C GLY A 14 -2.56 19.79 -9.21
N GLY A 15 -3.66 19.55 -8.52
CA GLY A 15 -3.54 18.97 -7.21
C GLY A 15 -3.05 19.98 -6.18
N SER A 16 -2.62 19.43 -5.06
CA SER A 16 -2.19 20.28 -3.96
C SER A 16 -0.85 19.82 -3.39
N SER A 17 -0.09 19.02 -4.13
CA SER A 17 1.26 18.70 -3.68
C SER A 17 2.27 19.76 -4.10
N GLU A 18 3.49 19.62 -3.59
CA GLU A 18 4.59 20.50 -3.98
C GLU A 18 4.97 20.31 -5.45
N GLU A 19 4.48 19.28 -6.12
CA GLU A 19 4.66 19.07 -7.56
C GLU A 19 3.52 19.63 -8.40
N ARG A 20 2.69 20.50 -7.84
CA ARG A 20 1.57 21.07 -8.55
C ARG A 20 2.01 21.75 -9.84
N ASP A 21 3.09 22.55 -9.83
CA ASP A 21 3.47 23.25 -11.05
C ASP A 21 3.97 22.27 -12.11
N VAL A 22 4.70 21.22 -11.68
CA VAL A 22 5.13 20.17 -12.60
C VAL A 22 3.89 19.51 -13.19
N SER A 23 2.89 19.24 -12.36
CA SER A 23 1.67 18.60 -12.83
C SER A 23 0.89 19.46 -13.83
N ILE A 24 0.82 20.77 -13.59
CA ILE A 24 0.20 21.67 -14.57
C ILE A 24 0.87 21.53 -15.91
N ALA A 25 2.20 21.46 -15.91
CA ALA A 25 2.93 21.35 -17.16
C ALA A 25 2.74 19.98 -17.81
N SER A 26 2.78 18.88 -17.02
CA SER A 26 2.48 17.58 -17.60
C SER A 26 1.08 17.57 -18.20
N GLY A 27 0.09 18.03 -17.42
CA GLY A 27 -1.29 18.05 -17.90
C GLY A 27 -1.44 18.84 -19.19
N ALA A 28 -0.77 19.96 -19.29
CA ALA A 28 -0.90 20.79 -20.47
C ALA A 28 -0.34 20.05 -21.70
N GLN A 29 0.76 19.33 -21.56
CA GLN A 29 1.29 18.59 -22.71
C GLN A 29 0.37 17.46 -23.10
N VAL A 30 -0.14 16.71 -22.12
CA VAL A 30 -1.01 15.58 -22.39
C VAL A 30 -2.31 16.05 -23.04
N ILE A 31 -2.89 17.14 -22.55
CA ILE A 31 -4.13 17.68 -23.13
C ILE A 31 -3.90 18.02 -24.58
N GLN A 32 -2.80 18.72 -24.87
CA GLN A 32 -2.55 19.14 -26.23
C GLN A 32 -2.33 17.93 -27.14
N ALA A 33 -1.58 16.95 -26.66
CA ALA A 33 -1.30 15.77 -27.48
C ALA A 33 -2.56 14.98 -27.76
N LEU A 34 -3.38 14.72 -26.74
CA LEU A 34 -4.58 13.93 -26.96
C LEU A 34 -5.57 14.66 -27.86
N ARG A 35 -5.71 15.97 -27.71
CA ARG A 35 -6.58 16.69 -28.65
C ARG A 35 -6.05 16.58 -30.08
N SER A 36 -4.73 16.62 -30.24
CA SER A 36 -4.13 16.55 -31.58
C SER A 36 -4.36 15.20 -32.22
N ALA A 37 -4.50 14.15 -31.43
CA ALA A 37 -4.83 12.82 -31.90
C ALA A 37 -6.33 12.61 -32.11
N GLY A 38 -7.14 13.66 -31.96
CA GLY A 38 -8.57 13.60 -32.26
C GLY A 38 -9.49 13.18 -31.12
N HIS A 39 -8.98 13.10 -29.90
CA HIS A 39 -9.82 12.74 -28.78
C HIS A 39 -10.51 13.97 -28.23
N GLN A 40 -11.66 13.75 -27.59
CA GLN A 40 -12.31 14.81 -26.82
C GLN A 40 -11.70 14.79 -25.42
N VAL A 41 -11.28 15.95 -24.94
CA VAL A 41 -10.52 16.07 -23.70
C VAL A 41 -11.14 17.09 -22.79
N LEU A 42 -11.38 16.71 -21.53
CA LEU A 42 -11.79 17.64 -20.48
C LEU A 42 -10.56 17.94 -19.65
N ALA A 43 -10.26 19.20 -19.39
CA ALA A 43 -9.14 19.62 -18.55
C ALA A 43 -9.66 19.93 -17.15
N VAL A 44 -9.22 19.16 -16.17
CA VAL A 44 -9.71 19.29 -14.81
C VAL A 44 -8.54 19.59 -13.87
N ASP A 45 -8.50 20.79 -13.31
CA ASP A 45 -7.56 21.10 -12.23
C ASP A 45 -8.23 20.61 -10.96
N THR A 46 -7.64 19.62 -10.33
CA THR A 46 -8.33 19.07 -9.16
C THR A 46 -8.44 20.06 -8.01
N ALA A 47 -7.78 21.21 -8.09
CA ALA A 47 -7.88 22.26 -7.08
C ALA A 47 -9.07 23.19 -7.29
N SER A 48 -9.76 23.08 -8.42
CA SER A 48 -10.82 24.02 -8.81
C SER A 48 -11.91 23.43 -9.69
N GLY A 49 -11.58 22.56 -10.65
CA GLY A 49 -12.55 21.90 -11.48
C GLY A 49 -12.24 22.06 -12.97
N LEU A 50 -13.28 21.95 -13.82
CA LEU A 50 -13.11 22.10 -15.26
C LEU A 50 -12.68 23.49 -15.71
N LEU A 51 -11.76 23.55 -16.65
CA LEU A 51 -11.31 24.81 -17.23
C LEU A 51 -11.94 25.07 -18.60
N GLY A 52 -12.14 26.36 -18.92
CA GLY A 52 -12.49 26.76 -20.26
C GLY A 52 -11.27 27.01 -21.14
N ALA A 53 -11.54 27.33 -22.42
CA ALA A 53 -10.48 27.35 -23.41
C ALA A 53 -9.40 28.38 -23.08
N GLU A 54 -9.80 29.54 -22.52
CA GLU A 54 -8.84 30.59 -22.23
C GLU A 54 -7.96 30.25 -21.04
N GLU A 55 -8.56 29.82 -19.92
CA GLU A 55 -7.79 29.32 -18.79
C GLU A 55 -6.88 28.17 -19.20
N GLU A 56 -7.34 27.36 -20.13
CA GLU A 56 -6.58 26.22 -20.58
C GLU A 56 -5.41 26.61 -21.48
N ARG A 57 -5.58 27.65 -22.31
CA ARG A 57 -4.45 28.19 -23.06
C ARG A 57 -3.42 28.84 -22.14
N ARG A 58 -3.89 29.48 -21.06
CA ARG A 58 -2.99 30.12 -20.12
C ARG A 58 -2.13 29.09 -19.39
N LEU A 59 -2.73 27.97 -18.99
CA LEU A 59 -1.97 26.95 -18.27
C LEU A 59 -0.98 26.25 -19.19
N LEU A 60 -1.28 26.13 -20.49
CA LEU A 60 -0.29 25.56 -21.40
C LEU A 60 0.95 26.45 -21.51
N ALA A 61 0.81 27.74 -21.18
CA ALA A 61 1.93 28.69 -21.20
C ALA A 61 2.65 28.85 -19.87
N SER A 62 2.16 28.27 -18.77
CA SER A 62 2.76 28.48 -17.44
C SER A 62 3.85 27.44 -17.16
N LYS A 63 5.10 27.84 -17.30
CA LYS A 63 6.22 26.93 -17.13
C LYS A 63 6.53 26.75 -15.66
N VAL A 64 7.09 25.58 -15.33
CA VAL A 64 7.51 25.35 -13.96
C VAL A 64 8.46 26.47 -13.53
N LYS A 65 8.34 26.92 -12.28
CA LYS A 65 9.17 28.00 -11.76
C LYS A 65 10.45 27.43 -11.18
N GLU A 66 11.30 28.32 -10.64
CA GLU A 66 12.59 27.88 -10.11
C GLU A 66 12.50 27.23 -8.74
N VAL A 67 11.45 27.47 -7.97
CA VAL A 67 11.21 26.71 -6.73
C VAL A 67 9.80 26.16 -6.77
N PRO A 68 9.57 25.06 -6.05
CA PRO A 68 8.24 24.47 -6.04
C PRO A 68 7.30 25.31 -5.21
N PRO A 69 6.00 25.24 -5.49
CA PRO A 69 5.00 25.87 -4.62
C PRO A 69 5.18 25.36 -3.21
N ASP A 70 5.06 26.26 -2.26
CA ASP A 70 5.53 25.97 -0.92
C ASP A 70 4.82 26.89 0.08
N SER A 71 4.98 26.56 1.35
CA SER A 71 4.63 27.44 2.48
C SER A 71 3.22 28.00 2.30
N ASP A 72 3.04 29.30 2.53
CA ASP A 72 1.70 29.88 2.51
C ASP A 72 1.06 29.84 1.13
N SER A 73 1.86 29.98 0.08
CA SER A 73 1.30 29.96 -1.28
C SER A 73 0.59 28.63 -1.56
N LEU A 74 1.26 27.52 -1.25
CA LEU A 74 0.62 26.22 -1.45
C LEU A 74 -0.49 25.96 -0.44
N ALA A 75 -0.33 26.46 0.81
CA ALA A 75 -1.39 26.32 1.82
C ALA A 75 -2.70 26.92 1.34
N ILE A 76 -2.63 28.10 0.72
CA ILE A 76 -3.84 28.72 0.17
C ILE A 76 -4.51 27.79 -0.82
N ILE A 77 -3.74 27.18 -1.73
CA ILE A 77 -4.32 26.26 -2.71
C ILE A 77 -4.91 25.04 -1.99
N ARG A 78 -4.21 24.54 -0.97
CA ARG A 78 -4.68 23.37 -0.24
C ARG A 78 -5.90 23.74 0.60
N GLY A 92 -19.70 10.39 -19.17
CA GLY A 92 -19.41 9.84 -20.48
C GLY A 92 -17.91 9.65 -20.72
N VAL A 93 -17.10 9.92 -19.70
CA VAL A 93 -15.65 9.82 -19.84
C VAL A 93 -15.26 8.35 -19.94
N ASP A 94 -14.41 8.01 -20.93
CA ASP A 94 -13.89 6.66 -21.04
C ASP A 94 -12.76 6.41 -20.05
N VAL A 95 -11.93 7.42 -19.75
CA VAL A 95 -10.79 7.17 -18.87
C VAL A 95 -10.34 8.50 -18.28
N PHE A 96 -9.89 8.45 -17.04
CA PHE A 96 -9.23 9.59 -16.38
C PHE A 96 -7.72 9.45 -16.54
N PHE A 97 -7.09 10.38 -17.29
CA PHE A 97 -5.64 10.41 -17.41
C PHE A 97 -5.14 11.17 -16.21
N LEU A 98 -4.39 10.48 -15.35
CA LEU A 98 -3.88 11.12 -14.12
C LEU A 98 -2.56 11.81 -14.44
N ALA A 99 -2.60 13.12 -14.66
CA ALA A 99 -1.44 13.97 -14.91
C ALA A 99 -0.98 14.65 -13.62
N LEU A 100 -1.36 14.12 -12.46
CA LEU A 100 -0.92 14.56 -11.15
C LEU A 100 0.44 13.97 -10.81
N HIS A 101 1.10 14.60 -9.86
CA HIS A 101 2.34 14.07 -9.31
C HIS A 101 2.35 14.35 -7.82
N GLY A 102 2.80 13.37 -7.07
CA GLY A 102 2.95 13.54 -5.63
C GLY A 102 1.64 13.48 -4.86
N GLY A 103 1.78 13.46 -3.53
CA GLY A 103 0.63 13.58 -2.63
C GLY A 103 -0.44 12.54 -2.94
N THR A 104 -1.70 12.95 -2.79
CA THR A 104 -2.81 12.03 -2.91
C THR A 104 -3.05 11.61 -4.35
N GLY A 105 -2.52 12.37 -5.32
CA GLY A 105 -2.76 12.00 -6.70
C GLY A 105 -1.93 10.80 -7.11
N GLU A 106 -0.77 10.58 -6.44
CA GLU A 106 0.19 9.55 -6.81
C GLU A 106 0.33 8.44 -5.78
N ASP A 107 -0.09 8.69 -4.53
CA ASP A 107 0.21 7.74 -3.47
C ASP A 107 -0.89 6.70 -3.27
N GLY A 108 -1.81 6.57 -4.20
CA GLY A 108 -2.85 5.57 -4.08
C GLY A 108 -4.17 6.11 -3.60
N THR A 109 -4.18 7.31 -2.99
CA THR A 109 -5.43 7.82 -2.44
C THR A 109 -6.45 8.06 -3.54
N LEU A 110 -6.06 8.83 -4.55
CA LEU A 110 -6.98 9.07 -5.68
C LEU A 110 -7.32 7.80 -6.41
N GLN A 111 -6.37 6.90 -6.55
CA GLN A 111 -6.65 5.65 -7.25
C GLN A 111 -7.76 4.87 -6.51
N ALA A 112 -7.71 4.85 -5.17
CA ALA A 112 -8.72 4.16 -4.41
C ALA A 112 -10.07 4.83 -4.58
N LEU A 113 -10.08 6.17 -4.59
CA LEU A 113 -11.35 6.89 -4.75
C LEU A 113 -11.95 6.55 -6.11
N LEU A 114 -11.13 6.53 -7.18
CA LEU A 114 -11.63 6.17 -8.50
C LEU A 114 -12.08 4.72 -8.57
N ASP A 115 -11.32 3.81 -7.94
CA ASP A 115 -11.78 2.43 -7.78
C ASP A 115 -13.19 2.40 -7.19
N ALA A 116 -13.40 3.13 -6.10
CA ALA A 116 -14.69 3.07 -5.42
C ALA A 116 -15.82 3.60 -6.29
N GLY A 117 -15.55 4.61 -7.09
CA GLY A 117 -16.53 5.14 -8.02
C GLY A 117 -16.67 4.38 -9.33
N GLY A 118 -15.95 3.29 -9.52
CA GLY A 118 -16.03 2.52 -10.75
C GLY A 118 -15.46 3.19 -11.98
N PHE A 119 -14.51 4.11 -11.81
CA PHE A 119 -13.95 4.89 -12.91
C PHE A 119 -12.64 4.25 -13.41
N ALA A 120 -12.45 4.25 -14.73
CA ALA A 120 -11.18 3.82 -15.30
C ALA A 120 -10.18 4.97 -15.27
N TYR A 121 -8.92 4.64 -14.96
CA TYR A 121 -7.86 5.63 -14.90
C TYR A 121 -6.55 5.02 -15.33
N THR A 122 -5.57 5.89 -15.60
CA THR A 122 -4.25 5.51 -16.07
C THR A 122 -3.29 5.27 -14.92
N GLY A 123 -2.18 4.62 -15.25
CA GLY A 123 -1.12 4.31 -14.26
C GLY A 123 -1.47 3.12 -13.39
N SER A 124 -0.83 3.06 -12.23
CA SER A 124 -0.90 1.92 -11.33
C SER A 124 -2.07 2.03 -10.35
N GLY A 125 -2.42 0.88 -9.77
CA GLY A 125 -3.52 0.82 -8.83
C GLY A 125 -3.14 1.36 -7.46
N HIS A 126 -4.07 1.20 -6.51
CA HIS A 126 -3.88 1.88 -5.23
C HIS A 126 -2.76 1.30 -4.38
N LEU A 127 -2.65 -0.03 -4.31
CA LEU A 127 -1.55 -0.63 -3.55
C LEU A 127 -0.23 -0.31 -4.20
N ALA A 128 -0.13 -0.56 -5.50
CA ALA A 128 1.12 -0.36 -6.19
C ALA A 128 1.60 1.09 -6.04
N SER A 129 0.69 2.04 -6.22
CA SER A 129 1.02 3.46 -6.10
C SER A 129 1.49 3.79 -4.71
N ALA A 130 0.84 3.23 -3.69
CA ALA A 130 1.23 3.53 -2.32
C ALA A 130 2.62 2.97 -2.05
N MET A 131 2.92 1.78 -2.53
CA MET A 131 4.23 1.22 -2.31
C MET A 131 5.34 1.97 -2.99
N ALA A 132 5.12 2.35 -4.26
CA ALA A 132 6.16 3.06 -4.99
C ALA A 132 6.46 4.40 -4.38
N MET A 133 5.44 5.06 -3.83
CA MET A 133 5.64 6.34 -3.15
C MET A 133 6.39 6.25 -1.85
N ASP A 134 6.36 5.12 -1.18
CA ASP A 134 7.05 4.95 0.12
C ASP A 134 8.45 4.47 -0.23
N LYS A 135 9.42 5.39 -0.31
CA LYS A 135 10.75 4.99 -0.82
C LYS A 135 11.38 3.87 -0.01
N ASP A 136 11.19 3.91 1.32
CA ASP A 136 11.69 2.87 2.21
C ASP A 136 11.12 1.49 1.86
N VAL A 137 9.77 1.38 1.85
CA VAL A 137 9.16 0.09 1.48
C VAL A 137 9.58 -0.36 0.09
N ALA A 138 9.61 0.58 -0.87
CA ALA A 138 10.00 0.18 -2.20
C ALA A 138 11.39 -0.43 -2.19
N LYS A 139 12.33 0.17 -1.47
CA LYS A 139 13.69 -0.33 -1.41
C LYS A 139 13.78 -1.71 -0.76
N ARG A 140 12.92 -1.98 0.25
CA ARG A 140 12.89 -3.34 0.79
C ARG A 140 12.47 -4.32 -0.29
N LEU A 141 11.47 -3.93 -1.09
CA LEU A 141 11.00 -4.77 -2.18
C LEU A 141 12.03 -4.91 -3.27
N PHE A 142 12.78 -3.82 -3.57
CA PHE A 142 13.88 -3.95 -4.52
C PHE A 142 14.83 -5.06 -4.07
N LEU A 143 15.23 -5.03 -2.82
CA LEU A 143 16.16 -6.05 -2.35
C LEU A 143 15.54 -7.44 -2.48
N ALA A 144 14.27 -7.58 -2.13
CA ALA A 144 13.60 -8.88 -2.23
C ALA A 144 13.58 -9.39 -3.67
N ALA A 145 13.56 -8.48 -4.67
CA ALA A 145 13.55 -8.82 -6.07
C ALA A 145 14.95 -8.87 -6.66
N GLY A 146 16.00 -8.83 -5.85
CA GLY A 146 17.35 -8.91 -6.39
C GLY A 146 17.80 -7.66 -7.10
N VAL A 147 17.27 -6.50 -6.70
CA VAL A 147 17.66 -5.22 -7.27
C VAL A 147 18.46 -4.45 -6.22
N GLU A 148 19.74 -4.22 -6.50
CA GLU A 148 20.62 -3.59 -5.50
C GLU A 148 20.20 -2.15 -5.24
N THR A 149 20.33 -1.71 -4.00
CA THR A 149 19.93 -0.37 -3.58
C THR A 149 20.79 0.01 -2.40
N ALA A 150 20.99 1.32 -2.22
CA ALA A 150 21.92 1.82 -1.24
C ALA A 150 21.42 1.63 0.18
N SER A 151 22.34 1.43 1.11
CA SER A 151 22.00 1.35 2.52
C SER A 151 21.21 2.58 2.97
N TRP A 152 20.32 2.36 3.92
CA TRP A 152 19.53 3.48 4.40
C TRP A 152 19.04 3.24 5.82
N LEU A 153 18.69 4.35 6.47
CA LEU A 153 18.06 4.39 7.80
C LEU A 153 16.90 5.34 7.71
N MET A 154 15.89 5.19 8.58
CA MET A 154 14.80 6.16 8.63
C MET A 154 14.97 6.98 9.91
N ALA A 155 14.75 8.26 9.82
CA ALA A 155 14.77 9.08 11.02
C ALA A 155 13.64 8.67 11.97
N PRO A 156 13.84 8.81 13.30
CA PRO A 156 15.10 9.26 13.90
C PRO A 156 16.18 8.18 13.99
N ALA A 157 17.39 8.59 13.73
CA ALA A 157 18.54 7.74 13.87
C ALA A 157 19.53 8.53 14.69
N SER A 158 20.07 7.90 15.72
CA SER A 158 21.10 8.59 16.46
C SER A 158 22.25 8.91 15.52
N GLU A 159 22.87 10.07 15.72
CA GLU A 159 24.04 10.41 14.91
C GLU A 159 25.10 9.32 15.01
N GLU A 160 25.14 8.62 16.13
CA GLU A 160 26.03 7.49 16.30
C GLU A 160 25.70 6.38 15.31
N GLU A 161 24.41 6.05 15.18
CA GLU A 161 23.95 5.02 14.24
C GLU A 161 24.22 5.44 12.80
N VAL A 162 24.06 6.73 12.51
CA VAL A 162 24.33 7.23 11.18
C VAL A 162 25.79 7.05 10.84
N ARG A 163 26.69 7.53 11.70
CA ARG A 163 28.11 7.38 11.42
C ARG A 163 28.49 5.92 11.28
N GLU A 164 27.84 5.06 12.06
CA GLU A 164 28.20 3.64 12.07
C GLU A 164 27.72 2.90 10.83
N GLN A 165 26.54 3.26 10.31
CA GLN A 165 25.96 2.48 9.22
C GLN A 165 26.06 3.13 7.85
N LEU A 166 26.06 4.44 7.78
CA LEU A 166 26.08 5.10 6.48
C LEU A 166 27.34 5.92 6.25
N GLY A 167 27.78 6.66 7.26
CA GLY A 167 28.86 7.61 7.08
C GLY A 167 28.45 8.74 6.15
N PHE A 168 29.41 9.60 5.87
CA PHE A 168 29.17 10.73 5.01
C PHE A 168 30.04 10.62 3.76
N PRO A 169 29.60 11.11 2.60
CA PRO A 169 28.34 11.85 2.42
C PRO A 169 27.12 10.91 2.35
N LEU A 170 25.97 11.50 2.69
CA LEU A 170 24.70 10.79 2.63
C LEU A 170 23.66 11.75 2.10
N VAL A 171 22.51 11.18 1.70
CA VAL A 171 21.38 11.94 1.21
C VAL A 171 20.30 11.90 2.26
N VAL A 172 19.74 13.06 2.56
CA VAL A 172 18.51 13.10 3.34
C VAL A 172 17.37 13.46 2.40
N LYS A 173 16.28 12.71 2.45
CA LYS A 173 15.17 13.04 1.59
C LYS A 173 13.86 12.66 2.27
N PRO A 174 12.80 13.37 1.99
CA PRO A 174 11.49 12.90 2.45
C PRO A 174 11.26 11.49 1.91
N ASN A 175 10.56 10.68 2.69
CA ASN A 175 10.29 9.33 2.19
C ASN A 175 9.31 9.30 1.04
N SER A 176 8.51 10.37 0.84
CA SER A 176 7.41 10.37 -0.12
C SER A 176 7.24 11.67 -0.89
N GLN A 177 8.30 12.28 -1.34
CA GLN A 177 8.20 13.43 -2.23
C GLN A 177 8.55 13.03 -3.65
N GLY A 178 8.57 14.04 -4.50
CA GLY A 178 9.06 13.93 -5.87
C GLY A 178 9.82 15.20 -6.23
N SER A 179 10.38 15.23 -7.45
CA SER A 179 10.99 16.46 -7.98
C SER A 179 12.15 17.01 -7.13
N THR A 180 12.81 16.13 -6.38
CA THR A 180 13.95 16.43 -5.52
C THR A 180 13.48 17.42 -4.41
N VAL A 181 12.17 17.51 -4.15
CA VAL A 181 11.69 18.39 -3.09
C VAL A 181 12.17 17.86 -1.74
N GLY A 182 12.68 18.77 -0.90
CA GLY A 182 13.11 18.45 0.46
C GLY A 182 14.41 17.70 0.61
N LEU A 183 15.14 17.47 -0.50
CA LEU A 183 16.31 16.60 -0.48
C LEU A 183 17.59 17.41 -0.31
N SER A 184 18.53 16.88 0.48
CA SER A 184 19.83 17.51 0.68
C SER A 184 20.92 16.46 0.61
N ILE A 185 22.10 16.84 0.09
CA ILE A 185 23.31 16.07 0.36
C ILE A 185 23.96 16.58 1.64
N VAL A 186 24.32 15.68 2.53
CA VAL A 186 24.89 15.99 3.83
C VAL A 186 26.33 15.47 3.79
N HIS A 187 27.27 16.40 3.95
CA HIS A 187 28.69 16.08 3.84
C HIS A 187 29.37 15.88 5.17
N SER A 188 28.71 16.25 6.27
CA SER A 188 29.31 16.14 7.60
C SER A 188 28.18 16.15 8.63
N GLN A 189 28.52 15.73 9.85
CA GLN A 189 27.54 15.71 10.95
C GLN A 189 26.81 17.05 11.12
N ALA A 190 27.51 18.18 10.98
CA ALA A 190 26.87 19.45 11.30
C ALA A 190 25.75 19.80 10.31
N GLU A 191 25.80 19.25 9.07
CA GLU A 191 24.72 19.47 8.12
C GLU A 191 23.51 18.55 8.30
N LEU A 192 23.60 17.57 9.18
CA LEU A 192 22.61 16.50 9.21
C LEU A 192 21.26 16.95 9.79
N GLN A 193 21.26 17.54 11.00
CA GLN A 193 20.00 18.01 11.57
C GLN A 193 19.30 19.04 10.69
N PRO A 194 19.95 20.06 10.15
CA PRO A 194 19.20 20.99 9.30
C PRO A 194 18.57 20.29 8.10
N ALA A 195 19.24 19.27 7.55
CA ALA A 195 18.68 18.54 6.40
C ALA A 195 17.44 17.75 6.82
N ILE A 196 17.51 17.10 7.98
CA ILE A 196 16.36 16.35 8.47
C ILE A 196 15.18 17.26 8.72
N GLU A 197 15.44 18.43 9.33
CA GLU A 197 14.37 19.40 9.55
C GLU A 197 13.75 19.84 8.23
N LEU A 198 14.57 20.11 7.25
CA LEU A 198 14.04 20.52 5.95
C LEU A 198 13.17 19.42 5.36
N ALA A 199 13.64 18.17 5.35
CA ALA A 199 12.88 17.10 4.75
C ALA A 199 11.55 16.89 5.49
N GLY A 200 11.56 17.09 6.81
CA GLY A 200 10.35 16.96 7.59
C GLY A 200 9.30 18.03 7.32
N ARG A 201 9.63 19.11 6.64
CA ARG A 201 8.59 20.06 6.21
C ARG A 201 7.74 19.55 5.06
N TYR A 202 8.12 18.42 4.48
CA TYR A 202 7.53 17.97 3.23
C TYR A 202 6.94 16.59 3.34
N GLY A 203 6.75 16.09 4.56
CA GLY A 203 6.16 14.79 4.81
C GLY A 203 6.52 14.32 6.21
N ASP A 204 5.99 13.15 6.57
CA ASP A 204 6.15 12.69 7.96
C ASP A 204 7.34 11.76 8.19
N GLU A 205 7.82 11.05 7.18
CA GLU A 205 8.95 10.14 7.36
C GLU A 205 10.10 10.72 6.55
N VAL A 206 11.32 10.47 7.01
CA VAL A 206 12.52 11.03 6.40
C VAL A 206 13.53 9.90 6.30
N MET A 207 14.09 9.74 5.10
CA MET A 207 15.12 8.75 4.82
C MET A 207 16.50 9.38 4.82
N LEU A 208 17.46 8.63 5.36
CA LEU A 208 18.91 8.87 5.27
C LEU A 208 19.46 7.74 4.44
N GLU A 209 20.14 8.04 3.37
CA GLU A 209 20.55 7.03 2.40
C GLU A 209 22.00 7.28 2.01
N ARG A 210 22.79 6.21 1.90
CA ARG A 210 24.18 6.39 1.46
C ARG A 210 24.20 7.10 0.12
N PHE A 211 25.08 8.11 -0.02
CA PHE A 211 25.23 8.81 -1.29
C PHE A 211 26.06 7.97 -2.25
N VAL A 212 25.57 7.76 -3.46
CA VAL A 212 26.26 7.03 -4.51
C VAL A 212 26.82 8.03 -5.50
N ALA A 213 28.14 8.19 -5.50
CA ALA A 213 28.79 9.02 -6.52
C ALA A 213 28.78 8.29 -7.84
N GLY A 214 28.55 9.04 -8.88
CA GLY A 214 28.64 8.48 -10.22
C GLY A 214 27.65 9.12 -11.17
N ARG A 215 27.21 8.34 -12.14
CA ARG A 215 26.36 8.81 -13.22
C ARG A 215 24.89 8.61 -12.91
N GLU A 216 24.05 9.43 -13.54
CA GLU A 216 22.61 9.49 -13.26
C GLU A 216 21.91 8.83 -14.47
N VAL A 217 21.22 7.71 -14.25
CA VAL A 217 20.61 6.94 -15.33
C VAL A 217 19.13 6.71 -15.04
N THR A 218 18.32 6.56 -16.06
CA THR A 218 16.88 6.35 -15.81
C THR A 218 16.32 5.42 -16.90
N VAL A 219 15.32 4.62 -16.49
CA VAL A 219 14.69 3.64 -17.38
C VAL A 219 13.19 3.75 -17.32
N GLY A 220 12.58 4.13 -18.45
CA GLY A 220 11.15 4.08 -18.54
C GLY A 220 10.69 2.68 -18.91
N VAL A 221 9.48 2.33 -18.49
CA VAL A 221 8.80 1.08 -18.87
C VAL A 221 7.43 1.47 -19.40
N LEU A 222 7.04 0.85 -20.51
CA LEU A 222 5.70 1.01 -21.06
C LEU A 222 5.16 -0.37 -21.35
N ASP A 223 4.01 -0.74 -20.77
CA ASP A 223 3.34 -2.01 -21.21
C ASP A 223 4.29 -3.21 -21.07
N ASP A 224 4.93 -3.27 -19.95
CA ASP A 224 5.86 -4.33 -19.53
C ASP A 224 7.08 -4.53 -20.49
N GLN A 225 7.52 -3.46 -21.20
CA GLN A 225 8.77 -3.43 -21.96
C GLN A 225 9.58 -2.21 -21.50
N ALA A 226 10.88 -2.41 -21.41
CA ALA A 226 11.79 -1.31 -21.13
C ALA A 226 12.02 -0.45 -22.35
N LEU A 227 12.09 0.85 -22.15
CA LEU A 227 12.45 1.82 -23.15
C LEU A 227 13.95 2.07 -23.11
N PRO A 228 14.51 2.73 -24.12
CA PRO A 228 15.96 2.99 -24.11
C PRO A 228 16.40 3.76 -22.86
N VAL A 229 17.57 3.35 -22.32
CA VAL A 229 18.08 4.01 -21.12
C VAL A 229 18.42 5.45 -21.42
N GLY A 230 18.25 6.32 -20.43
CA GLY A 230 18.68 7.70 -20.55
C GLY A 230 19.70 8.04 -19.48
N GLU A 231 20.58 8.97 -19.83
CA GLU A 231 21.56 9.51 -18.88
C GLU A 231 21.36 11.01 -18.76
N ILE A 232 21.44 11.52 -17.53
CA ILE A 232 21.39 12.96 -17.24
C ILE A 232 22.80 13.39 -16.90
N LEU A 233 23.36 14.34 -17.67
CA LEU A 233 24.76 14.76 -17.48
C LEU A 233 24.75 15.89 -16.48
N LEU A 234 25.17 15.63 -15.24
CA LEU A 234 25.06 16.59 -14.15
C LEU A 234 26.21 17.56 -14.06
N GLY A 235 27.29 17.33 -14.81
CA GLY A 235 28.46 18.21 -14.69
C GLY A 235 29.03 18.17 -13.26
N GLY A 236 29.18 19.30 -12.67
CA GLY A 236 29.73 19.10 -11.35
C GLY A 236 28.71 18.88 -10.25
N GLN A 237 27.41 18.81 -10.55
CA GLN A 237 26.42 18.77 -9.48
C GLN A 237 26.31 17.37 -8.90
N GLU A 238 26.18 17.28 -7.58
CA GLU A 238 26.00 15.97 -6.93
C GLU A 238 24.62 15.38 -7.16
N VAL A 239 23.62 16.22 -7.27
CA VAL A 239 22.24 15.75 -7.41
C VAL A 239 21.57 16.45 -8.56
N PHE A 240 20.50 15.81 -9.03
CA PHE A 240 19.63 16.31 -10.09
C PHE A 240 18.48 17.03 -9.41
N ASP A 241 18.49 18.35 -9.48
CA ASP A 241 17.63 19.18 -8.63
C ASP A 241 16.44 19.76 -9.38
N TYR A 242 15.54 20.40 -8.62
CA TYR A 242 14.28 20.87 -9.19
C TYR A 242 14.49 21.83 -10.34
N GLU A 243 15.46 22.72 -10.23
CA GLU A 243 15.75 23.65 -11.31
C GLU A 243 16.22 22.92 -12.57
N HIS A 244 17.15 21.98 -12.39
CA HIS A 244 17.68 21.30 -13.57
C HIS A 244 16.70 20.32 -14.20
N LYS A 245 15.75 19.79 -13.39
CA LYS A 245 14.74 18.88 -13.94
C LYS A 245 13.80 19.60 -14.88
N TYR A 246 13.44 20.86 -14.59
CA TYR A 246 12.29 21.45 -15.24
C TYR A 246 12.55 22.72 -16.04
N GLN A 247 13.74 23.33 -15.96
CA GLN A 247 14.08 24.49 -16.79
C GLN A 247 14.63 24.01 -18.12
N ALA A 248 14.02 24.48 -19.22
CA ALA A 248 14.46 24.01 -20.53
C ALA A 248 15.95 24.31 -20.71
N GLY A 249 16.69 23.32 -21.22
CA GLY A 249 18.10 23.50 -21.52
C GLY A 249 19.05 23.40 -20.33
N ALA A 250 18.52 23.13 -19.12
CA ALA A 250 19.37 23.21 -17.95
C ALA A 250 20.42 22.11 -17.88
N VAL A 251 20.14 20.94 -18.46
CA VAL A 251 21.08 19.83 -18.40
C VAL A 251 20.90 19.05 -19.68
N ARG A 252 21.99 18.43 -20.15
CA ARG A 252 21.88 17.54 -21.30
C ARG A 252 21.37 16.18 -20.84
N GLU A 253 20.43 15.62 -21.59
CA GLU A 253 19.84 14.33 -21.27
C GLU A 253 19.91 13.52 -22.55
N VAL A 254 20.46 12.33 -22.45
CA VAL A 254 20.89 11.56 -23.63
C VAL A 254 20.14 10.22 -23.66
N PHE A 255 19.37 9.99 -24.72
CA PHE A 255 18.62 8.76 -24.91
C PHE A 255 18.86 8.34 -26.35
N PRO A 256 19.37 7.12 -26.62
CA PRO A 256 19.88 6.16 -25.64
C PRO A 256 21.18 6.62 -25.04
N ALA A 257 21.36 6.35 -23.76
CA ALA A 257 22.57 6.77 -23.06
C ALA A 257 23.83 6.13 -23.66
N ASP A 258 24.96 6.85 -23.57
CA ASP A 258 26.28 6.33 -24.00
C ASP A 258 26.86 5.44 -22.90
N LEU A 259 26.36 4.22 -22.86
CA LEU A 259 26.73 3.22 -21.88
C LEU A 259 27.21 1.99 -22.58
N PRO A 260 28.06 1.21 -21.94
CA PRO A 260 28.38 -0.12 -22.45
C PRO A 260 27.10 -0.92 -22.55
N PRO A 261 26.93 -1.69 -23.61
CA PRO A 261 25.65 -2.39 -23.82
C PRO A 261 25.25 -3.24 -22.66
N ALA A 262 26.19 -3.92 -21.99
CA ALA A 262 25.81 -4.79 -20.90
C ALA A 262 25.25 -3.98 -19.71
N ILE A 263 25.73 -2.77 -19.50
CA ILE A 263 25.24 -1.97 -18.38
C ILE A 263 23.84 -1.46 -18.70
N ALA A 264 23.63 -0.99 -19.94
CA ALA A 264 22.31 -0.54 -20.33
C ALA A 264 21.31 -1.68 -20.24
N ALA A 265 21.70 -2.88 -20.72
CA ALA A 265 20.79 -4.02 -20.64
C ALA A 265 20.47 -4.35 -19.20
N GLU A 266 21.46 -4.27 -18.32
CA GLU A 266 21.19 -4.58 -16.90
C GLU A 266 20.27 -3.54 -16.27
N ALA A 267 20.42 -2.27 -16.61
CA ALA A 267 19.48 -1.28 -16.07
C ALA A 267 18.06 -1.57 -16.52
N GLN A 268 17.88 -2.00 -17.78
CA GLN A 268 16.54 -2.33 -18.26
C GLN A 268 15.99 -3.58 -17.58
N ARG A 269 16.82 -4.59 -17.36
CA ARG A 269 16.40 -5.80 -16.69
C ARG A 269 15.96 -5.47 -15.27
N LEU A 270 16.75 -4.65 -14.57
CA LEU A 270 16.43 -4.27 -13.18
C LEU A 270 15.13 -3.46 -13.14
N ALA A 271 14.98 -2.48 -14.03
CA ALA A 271 13.76 -1.68 -14.04
C ALA A 271 12.52 -2.55 -14.23
N LEU A 272 12.58 -3.52 -15.15
CA LEU A 272 11.42 -4.38 -15.29
C LEU A 272 11.19 -5.25 -14.06
N LYS A 273 12.25 -5.71 -13.41
N LYS A 273 12.26 -5.71 -13.40
CA LYS A 273 12.08 -6.42 -12.14
CA LYS A 273 12.07 -6.43 -12.14
C LYS A 273 11.38 -5.56 -11.10
C LYS A 273 11.40 -5.56 -11.08
N VAL A 274 11.73 -4.27 -11.04
CA VAL A 274 11.12 -3.36 -10.07
C VAL A 274 9.65 -3.17 -10.40
N HIS A 275 9.36 -2.88 -11.69
CA HIS A 275 7.99 -2.65 -12.13
C HIS A 275 7.11 -3.85 -11.75
N ARG A 276 7.59 -5.05 -12.04
CA ARG A 276 6.80 -6.22 -11.71
C ARG A 276 6.72 -6.45 -10.20
N ALA A 277 7.84 -6.26 -9.47
CA ALA A 277 7.83 -6.52 -8.02
C ALA A 277 6.81 -5.67 -7.31
N LEU A 278 6.65 -4.42 -7.72
CA LEU A 278 5.69 -3.55 -7.06
C LEU A 278 4.31 -3.59 -7.66
N LYS A 279 4.10 -4.50 -8.61
CA LYS A 279 2.77 -4.73 -9.17
C LYS A 279 2.28 -3.51 -9.92
N LEU A 280 3.19 -2.78 -10.57
CA LEU A 280 2.82 -1.59 -11.28
C LEU A 280 2.06 -1.95 -12.55
N SER A 281 1.34 -0.95 -13.08
N SER A 281 1.39 -0.95 -13.11
CA SER A 281 0.59 -1.10 -14.34
CA SER A 281 0.67 -1.16 -14.38
C SER A 281 0.87 0.07 -15.28
C SER A 281 0.88 0.05 -15.29
N GLY A 282 0.78 -0.23 -16.57
CA GLY A 282 0.74 0.82 -17.57
C GLY A 282 2.12 1.28 -17.97
N TYR A 283 2.80 1.96 -17.05
CA TYR A 283 4.08 2.57 -17.32
C TYR A 283 4.73 2.97 -16.00
N SER A 284 6.03 3.27 -16.06
CA SER A 284 6.73 3.72 -14.85
C SER A 284 8.08 4.29 -15.30
N ARG A 285 8.80 4.90 -14.34
CA ARG A 285 10.16 5.29 -14.63
C ARG A 285 10.99 5.02 -13.38
N THR A 286 12.12 4.33 -13.54
CA THR A 286 13.02 3.93 -12.45
C THR A 286 14.35 4.67 -12.58
N ASP A 287 14.83 5.17 -11.46
CA ASP A 287 16.06 5.97 -11.41
C ASP A 287 17.18 5.23 -10.71
N PHE A 288 18.41 5.32 -11.30
CA PHE A 288 19.58 4.64 -10.76
C PHE A 288 20.75 5.59 -10.72
N ARG A 289 21.69 5.28 -9.83
CA ARG A 289 23.02 5.85 -9.92
C ARG A 289 23.94 4.72 -10.37
N LEU A 290 24.91 5.07 -11.20
CA LEU A 290 25.87 4.13 -11.78
C LEU A 290 27.25 4.53 -11.26
N ASP A 291 27.87 3.66 -10.49
CA ASP A 291 29.17 4.01 -9.93
C ASP A 291 30.29 3.68 -10.93
N GLU A 292 31.52 4.18 -10.61
CA GLU A 292 32.65 4.02 -11.53
C GLU A 292 33.09 2.55 -11.65
N GLN A 293 32.66 1.69 -10.71
CA GLN A 293 32.89 0.26 -10.81
C GLN A 293 31.86 -0.47 -11.65
N GLY A 294 30.94 0.24 -12.27
CA GLY A 294 29.97 -0.37 -13.15
C GLY A 294 28.74 -0.94 -12.47
N ARG A 295 28.54 -0.63 -11.19
CA ARG A 295 27.37 -1.12 -10.45
C ARG A 295 26.23 -0.10 -10.46
N LEU A 296 25.01 -0.60 -10.68
CA LEU A 296 23.78 0.18 -10.67
C LEU A 296 23.12 0.08 -9.31
N TRP A 297 22.71 1.23 -8.79
CA TRP A 297 22.06 1.33 -7.51
C TRP A 297 20.70 1.96 -7.74
N CYS A 298 19.62 1.26 -7.37
CA CYS A 298 18.28 1.76 -7.70
C CYS A 298 17.82 2.71 -6.61
N LEU A 299 17.48 3.93 -7.00
CA LEU A 299 16.97 4.94 -6.06
C LEU A 299 15.51 4.74 -5.77
N GLU A 300 14.70 4.66 -6.79
CA GLU A 300 13.26 4.72 -6.64
C GLU A 300 12.61 4.37 -7.98
N VAL A 301 11.29 4.17 -7.92
CA VAL A 301 10.45 4.08 -9.11
C VAL A 301 9.26 5.01 -8.98
N ASN A 302 8.86 5.60 -10.09
CA ASN A 302 7.76 6.54 -10.19
C ASN A 302 6.64 5.95 -11.01
N THR A 303 5.42 5.96 -10.47
CA THR A 303 4.24 5.44 -11.19
C THR A 303 3.59 6.52 -12.02
N LEU A 304 3.74 7.79 -11.70
CA LEU A 304 3.19 8.89 -12.49
C LEU A 304 4.36 9.81 -12.87
N PRO A 305 5.34 9.33 -13.62
CA PRO A 305 6.50 10.16 -13.98
C PRO A 305 6.10 11.39 -14.76
N GLY A 306 6.97 12.41 -14.69
CA GLY A 306 6.69 13.68 -15.36
C GLY A 306 6.51 13.51 -16.86
N MET A 307 5.62 14.34 -17.42
CA MET A 307 5.30 14.35 -18.86
C MET A 307 5.44 15.76 -19.41
N THR A 308 6.24 16.60 -18.74
CA THR A 308 6.44 17.97 -19.19
C THR A 308 7.35 17.97 -20.41
N ALA A 309 7.45 19.19 -21.01
CA ALA A 309 8.31 19.36 -22.19
C ALA A 309 9.79 19.13 -21.92
N THR A 310 10.23 19.08 -20.67
CA THR A 310 11.62 18.72 -20.34
C THR A 310 11.76 17.32 -19.76
N SER A 311 10.65 16.60 -19.58
CA SER A 311 10.66 15.38 -18.80
C SER A 311 11.32 14.22 -19.52
N LEU A 312 11.63 13.20 -18.74
CA LEU A 312 12.46 12.07 -19.16
C LEU A 312 11.67 11.00 -19.89
N LEU A 313 10.50 10.59 -19.38
CA LEU A 313 9.75 9.53 -20.05
C LEU A 313 9.41 9.86 -21.49
N PRO A 314 8.95 11.05 -21.84
CA PRO A 314 8.67 11.29 -23.28
C PRO A 314 9.90 11.07 -24.13
N GLN A 315 11.08 11.41 -23.64
CA GLN A 315 12.31 11.23 -24.42
C GLN A 315 12.65 9.74 -24.56
N ALA A 316 12.43 8.94 -23.53
CA ALA A 316 12.67 7.51 -23.64
C ALA A 316 11.73 6.91 -24.67
N ALA A 317 10.45 7.30 -24.61
CA ALA A 317 9.50 6.81 -25.61
C ALA A 317 9.92 7.23 -27.00
N ALA A 318 10.30 8.49 -27.20
CA ALA A 318 10.71 8.95 -28.52
C ALA A 318 11.90 8.14 -29.03
N ALA A 319 12.83 7.79 -28.15
CA ALA A 319 13.96 6.99 -28.60
C ALA A 319 13.56 5.56 -28.99
N ALA A 320 12.46 5.06 -28.43
CA ALA A 320 11.89 3.78 -28.83
C ALA A 320 11.08 3.87 -30.11
N GLY A 321 10.94 5.05 -30.72
CA GLY A 321 10.11 5.26 -31.88
C GLY A 321 8.66 5.52 -31.57
N ILE A 322 8.37 6.00 -30.36
CA ILE A 322 6.99 6.27 -29.96
C ILE A 322 6.82 7.76 -29.74
N GLY A 323 6.05 8.42 -30.57
CA GLY A 323 5.80 9.84 -30.43
C GLY A 323 4.94 10.12 -29.21
N PHE A 324 4.81 11.40 -28.87
CA PHE A 324 4.24 11.74 -27.57
C PHE A 324 2.74 11.51 -27.56
N ALA A 325 2.03 11.86 -28.64
CA ALA A 325 0.60 11.58 -28.65
C ALA A 325 0.34 10.08 -28.55
N GLU A 326 1.12 9.28 -29.30
CA GLU A 326 0.93 7.84 -29.25
C GLU A 326 1.18 7.31 -27.85
N LEU A 327 2.24 7.81 -27.20
CA LEU A 327 2.53 7.45 -25.81
C LEU A 327 1.31 7.70 -24.93
N CYS A 328 0.73 8.88 -25.06
CA CYS A 328 -0.42 9.25 -24.23
C CYS A 328 -1.60 8.35 -24.50
N GLU A 329 -1.83 8.04 -25.79
CA GLU A 329 -2.95 7.19 -26.19
C GLU A 329 -2.76 5.80 -25.63
N ARG A 330 -1.55 5.26 -25.75
CA ARG A 330 -1.29 3.90 -25.30
C ARG A 330 -1.51 3.79 -23.80
N ILE A 331 -1.07 4.81 -23.03
CA ILE A 331 -1.29 4.87 -21.58
C ILE A 331 -2.79 4.84 -21.29
N CYS A 332 -3.59 5.65 -22.04
CA CYS A 332 -5.04 5.64 -21.86
C CYS A 332 -5.59 4.24 -22.04
N ARG A 333 -5.21 3.57 -23.14
CA ARG A 333 -5.77 2.25 -23.45
C ARG A 333 -5.36 1.20 -22.44
N LEU A 334 -4.11 1.27 -21.95
CA LEU A 334 -3.68 0.35 -20.90
C LEU A 334 -4.51 0.54 -19.64
N GLY A 335 -4.85 1.80 -19.29
CA GLY A 335 -5.71 2.02 -18.13
C GLY A 335 -7.10 1.46 -18.33
N ILE A 336 -7.69 1.71 -19.48
CA ILE A 336 -9.01 1.14 -19.76
C ILE A 336 -8.95 -0.39 -19.65
N GLU A 337 -7.95 -1.01 -20.26
CA GLU A 337 -7.84 -2.46 -20.22
C GLU A 337 -7.70 -2.97 -18.78
N ARG A 338 -6.92 -2.28 -17.95
CA ARG A 338 -6.75 -2.73 -16.58
C ARG A 338 -8.06 -2.63 -15.80
N CYS A 339 -8.79 -1.54 -15.98
CA CYS A 339 -9.95 -1.21 -15.14
C CYS A 339 -11.23 -1.86 -15.64
N LYS B 6 -16.26 12.00 26.74
CA LYS B 6 -16.94 10.98 25.92
C LYS B 6 -16.92 11.34 24.44
N LEU B 7 -16.92 10.32 23.59
CA LEU B 7 -16.78 10.47 22.15
C LEU B 7 -18.11 10.24 21.47
N LYS B 8 -18.22 10.74 20.27
CA LYS B 8 -19.29 10.37 19.34
C LYS B 8 -18.62 9.50 18.28
N VAL B 9 -19.02 8.23 18.24
CA VAL B 9 -18.37 7.22 17.41
C VAL B 9 -19.37 6.67 16.42
N ALA B 10 -18.99 6.59 15.13
CA ALA B 10 -19.78 5.86 14.17
C ALA B 10 -19.11 4.52 13.90
N VAL B 11 -19.79 3.43 14.18
CA VAL B 11 -19.26 2.09 13.97
C VAL B 11 -19.71 1.64 12.60
N LEU B 12 -18.76 1.50 11.68
CA LEU B 12 -19.06 1.05 10.32
C LEU B 12 -18.88 -0.46 10.27
N PHE B 13 -19.85 -1.18 9.71
CA PHE B 13 -19.75 -2.63 9.72
C PHE B 13 -20.55 -3.19 8.56
N GLY B 14 -20.51 -4.50 8.40
CA GLY B 14 -21.27 -5.16 7.36
C GLY B 14 -20.50 -5.29 6.07
N GLY B 15 -20.60 -4.32 5.19
CA GLY B 15 -19.89 -4.40 3.95
C GLY B 15 -20.47 -5.44 3.00
N SER B 16 -19.62 -5.80 2.04
CA SER B 16 -20.00 -6.73 1.00
C SER B 16 -18.98 -7.83 0.76
N SER B 17 -17.99 -7.98 1.63
CA SER B 17 -17.06 -9.10 1.50
C SER B 17 -17.68 -10.39 2.03
N GLU B 18 -17.00 -11.53 1.80
N GLU B 18 -16.95 -11.47 1.78
CA GLU B 18 -17.49 -12.78 2.35
CA GLU B 18 -17.29 -12.77 2.27
C GLU B 18 -17.47 -12.78 3.86
C GLU B 18 -17.28 -12.85 3.79
N GLU B 19 -16.74 -11.85 4.48
CA GLU B 19 -16.71 -11.76 5.94
C GLU B 19 -17.82 -10.87 6.48
N ARG B 20 -18.85 -10.55 5.67
CA ARG B 20 -19.94 -9.67 6.11
C ARG B 20 -20.58 -10.15 7.42
N ASP B 21 -20.89 -11.44 7.57
CA ASP B 21 -21.55 -11.89 8.78
C ASP B 21 -20.64 -11.73 9.98
N VAL B 22 -19.33 -12.00 9.79
CA VAL B 22 -18.38 -11.77 10.89
C VAL B 22 -18.34 -10.32 11.25
N SER B 23 -18.37 -9.44 10.26
CA SER B 23 -18.33 -8.00 10.50
C SER B 23 -19.57 -7.51 11.24
N ILE B 24 -20.75 -8.04 10.90
CA ILE B 24 -21.95 -7.71 11.66
C ILE B 24 -21.79 -8.07 13.10
N ALA B 25 -21.25 -9.24 13.38
CA ALA B 25 -21.02 -9.64 14.78
C ALA B 25 -19.96 -8.79 15.47
N SER B 26 -18.84 -8.46 14.79
CA SER B 26 -17.83 -7.57 15.38
C SER B 26 -18.44 -6.21 15.67
N GLY B 27 -19.19 -5.67 14.71
CA GLY B 27 -19.81 -4.37 14.89
C GLY B 27 -20.80 -4.34 16.05
N ALA B 28 -21.58 -5.40 16.21
CA ALA B 28 -22.50 -5.48 17.34
C ALA B 28 -21.75 -5.46 18.67
N GLN B 29 -20.63 -6.19 18.74
CA GLN B 29 -19.84 -6.20 19.98
C GLN B 29 -19.29 -4.83 20.28
N VAL B 30 -18.69 -4.17 19.27
CA VAL B 30 -18.10 -2.85 19.49
C VAL B 30 -19.17 -1.84 19.90
N ILE B 31 -20.33 -1.87 19.25
CA ILE B 31 -21.40 -0.92 19.58
C ILE B 31 -21.80 -1.08 21.05
N GLN B 32 -22.02 -2.31 21.50
N GLN B 32 -22.02 -2.31 21.49
CA GLN B 32 -22.47 -2.46 22.88
CA GLN B 32 -22.45 -2.50 22.88
C GLN B 32 -21.37 -2.09 23.87
C GLN B 32 -21.37 -2.08 23.85
N ALA B 33 -20.12 -2.42 23.54
CA ALA B 33 -19.03 -2.11 24.44
C ALA B 33 -18.83 -0.60 24.59
N LEU B 34 -18.84 0.14 23.47
CA LEU B 34 -18.66 1.59 23.56
C LEU B 34 -19.83 2.25 24.26
N ARG B 35 -21.03 1.72 24.07
CA ARG B 35 -22.19 2.23 24.82
C ARG B 35 -22.05 1.99 26.31
N SER B 36 -21.52 0.82 26.71
CA SER B 36 -21.29 0.58 28.13
C SER B 36 -20.35 1.61 28.70
N ALA B 37 -19.39 2.06 27.90
CA ALA B 37 -18.39 3.01 28.35
C ALA B 37 -18.89 4.45 28.25
N GLY B 38 -20.13 4.67 27.84
CA GLY B 38 -20.74 5.97 27.90
C GLY B 38 -20.59 6.82 26.67
N HIS B 39 -20.07 6.29 25.55
CA HIS B 39 -19.91 7.07 24.33
C HIS B 39 -21.22 7.05 23.56
N GLN B 40 -21.43 8.05 22.71
CA GLN B 40 -22.60 8.07 21.84
C GLN B 40 -22.21 7.32 20.57
N VAL B 41 -22.94 6.27 20.22
CA VAL B 41 -22.54 5.36 19.15
C VAL B 41 -23.62 5.29 18.09
N LEU B 42 -23.24 5.54 16.84
CA LEU B 42 -24.10 5.39 15.69
C LEU B 42 -23.71 4.10 14.97
N ALA B 43 -24.69 3.30 14.60
CA ALA B 43 -24.45 2.04 13.88
C ALA B 43 -24.73 2.20 12.40
N VAL B 44 -23.71 2.00 11.55
CA VAL B 44 -23.83 2.17 10.09
C VAL B 44 -23.46 0.86 9.42
N ASP B 45 -24.45 0.22 8.79
CA ASP B 45 -24.18 -0.89 7.87
C ASP B 45 -23.79 -0.26 6.56
N THR B 46 -22.53 -0.43 6.14
CA THR B 46 -22.07 0.22 4.92
C THR B 46 -22.80 -0.28 3.67
N ALA B 47 -23.54 -1.38 3.77
CA ALA B 47 -24.33 -1.87 2.66
C ALA B 47 -25.71 -1.23 2.59
N SER B 48 -26.12 -0.45 3.60
CA SER B 48 -27.49 0.06 3.57
C SER B 48 -27.57 1.46 4.14
N GLY B 49 -27.15 1.65 5.39
CA GLY B 49 -27.08 2.97 5.96
C GLY B 49 -27.19 2.92 7.48
N LEU B 50 -27.61 4.05 8.03
CA LEU B 50 -27.71 4.23 9.48
C LEU B 50 -28.85 3.43 10.08
N LEU B 51 -28.60 2.72 11.19
CA LEU B 51 -29.59 1.85 11.79
C LEU B 51 -30.28 2.53 12.98
N GLY B 52 -31.56 2.21 13.16
CA GLY B 52 -32.31 2.68 14.32
C GLY B 52 -32.28 1.67 15.45
N ALA B 53 -32.87 2.08 16.57
CA ALA B 53 -32.78 1.26 17.79
C ALA B 53 -33.37 -0.12 17.56
N GLU B 54 -34.45 -0.20 16.78
CA GLU B 54 -35.14 -1.47 16.54
C GLU B 54 -34.30 -2.38 15.64
N GLU B 55 -33.94 -1.88 14.46
CA GLU B 55 -33.16 -2.71 13.53
C GLU B 55 -31.76 -2.98 14.03
N GLU B 56 -31.21 -2.13 14.90
CA GLU B 56 -30.01 -2.49 15.64
C GLU B 56 -30.21 -3.83 16.34
N ARG B 57 -31.24 -3.91 17.18
CA ARG B 57 -31.55 -5.18 17.84
C ARG B 57 -31.66 -6.31 16.82
N ARG B 58 -32.37 -6.07 15.72
CA ARG B 58 -32.59 -7.11 14.70
C ARG B 58 -31.29 -7.47 14.00
N LEU B 59 -30.71 -6.54 13.26
CA LEU B 59 -29.50 -6.84 12.50
C LEU B 59 -28.36 -7.31 13.41
N LEU B 60 -28.10 -6.56 14.48
CA LEU B 60 -26.93 -6.87 15.32
C LEU B 60 -27.05 -8.20 16.03
N ALA B 61 -28.27 -8.65 16.35
CA ALA B 61 -28.41 -9.98 16.94
C ALA B 61 -28.12 -11.11 15.97
N SER B 62 -27.80 -10.81 14.70
CA SER B 62 -27.61 -11.85 13.71
C SER B 62 -26.33 -12.63 14.01
N LYS B 63 -26.44 -13.95 14.06
CA LYS B 63 -25.32 -14.80 14.45
C LYS B 63 -24.52 -15.26 13.23
N VAL B 64 -23.21 -15.40 13.43
CA VAL B 64 -22.40 -15.92 12.34
C VAL B 64 -22.82 -17.36 12.14
N LYS B 65 -23.04 -17.75 10.89
CA LYS B 65 -23.49 -19.09 10.55
C LYS B 65 -22.28 -20.00 10.27
N GLU B 66 -22.55 -21.28 10.02
CA GLU B 66 -21.48 -22.23 9.82
C GLU B 66 -20.77 -22.06 8.49
N VAL B 67 -21.39 -21.42 7.50
CA VAL B 67 -20.76 -21.16 6.21
C VAL B 67 -20.86 -19.67 5.91
N PRO B 68 -19.95 -19.09 5.14
CA PRO B 68 -20.06 -17.68 4.80
C PRO B 68 -21.21 -17.43 3.83
N PRO B 69 -21.61 -16.18 3.66
CA PRO B 69 -22.68 -15.88 2.71
C PRO B 69 -22.32 -16.32 1.29
N ASP B 70 -23.34 -16.64 0.47
CA ASP B 70 -22.97 -17.10 -0.87
C ASP B 70 -22.74 -15.93 -1.81
N SER B 71 -22.10 -16.22 -2.94
CA SER B 71 -21.75 -15.18 -3.90
C SER B 71 -22.97 -14.36 -4.33
N ASP B 72 -24.12 -15.02 -4.50
CA ASP B 72 -25.31 -14.33 -4.97
C ASP B 72 -25.80 -13.29 -3.97
N SER B 73 -25.81 -13.64 -2.68
CA SER B 73 -26.28 -12.72 -1.66
C SER B 73 -25.40 -11.47 -1.60
N LEU B 74 -24.08 -11.64 -1.76
CA LEU B 74 -23.20 -10.49 -1.71
C LEU B 74 -23.33 -9.65 -2.96
N ALA B 75 -23.69 -10.28 -4.10
CA ALA B 75 -23.90 -9.50 -5.31
C ALA B 75 -25.20 -8.71 -5.24
N ILE B 76 -26.17 -9.20 -4.47
CA ILE B 76 -27.45 -8.50 -4.32
C ILE B 76 -27.26 -7.10 -3.76
N LEU B 85 -21.27 9.45 4.75
CA LEU B 85 -20.49 10.11 5.79
C LEU B 85 -20.62 11.63 5.67
N SER B 86 -20.45 12.30 6.81
CA SER B 86 -20.67 13.74 6.96
C SER B 86 -22.15 14.14 6.92
N ALA B 87 -23.02 13.21 6.53
CA ALA B 87 -24.42 13.52 6.34
C ALA B 87 -25.15 13.52 7.68
N GLY B 88 -25.98 14.54 7.90
CA GLY B 88 -26.87 14.67 9.04
C GLY B 88 -26.37 14.14 10.37
N GLU B 89 -26.74 12.90 10.68
CA GLU B 89 -26.45 12.33 11.99
C GLU B 89 -24.95 12.21 12.22
N LEU B 90 -24.18 12.03 11.14
CA LEU B 90 -22.75 11.81 11.24
C LEU B 90 -21.98 13.10 11.45
N ALA B 91 -22.64 14.25 11.40
CA ALA B 91 -21.96 15.48 11.76
C ALA B 91 -21.45 15.43 13.20
N GLY B 92 -20.22 15.90 13.39
CA GLY B 92 -19.63 15.87 14.71
C GLY B 92 -19.10 14.54 15.18
N VAL B 93 -19.04 13.50 14.33
CA VAL B 93 -18.42 12.22 14.72
C VAL B 93 -16.95 12.45 15.03
N ASP B 94 -16.48 12.02 16.22
CA ASP B 94 -15.07 12.09 16.56
C ASP B 94 -14.23 11.08 15.78
N VAL B 95 -14.76 9.87 15.59
CA VAL B 95 -13.96 8.81 14.96
C VAL B 95 -14.92 7.78 14.38
N PHE B 96 -14.54 7.22 13.24
CA PHE B 96 -15.21 6.09 12.62
C PHE B 96 -14.48 4.83 13.08
N PHE B 97 -15.17 3.98 13.82
CA PHE B 97 -14.61 2.69 14.23
C PHE B 97 -14.88 1.72 13.11
N LEU B 98 -13.83 1.23 12.46
CA LEU B 98 -14.00 0.33 11.32
C LEU B 98 -14.14 -1.10 11.84
N ALA B 99 -15.36 -1.59 11.92
CA ALA B 99 -15.71 -2.94 12.29
C ALA B 99 -15.96 -3.83 11.08
N LEU B 100 -15.41 -3.47 9.93
CA LEU B 100 -15.42 -4.22 8.69
C LEU B 100 -14.31 -5.27 8.69
N HIS B 101 -14.46 -6.27 7.83
CA HIS B 101 -13.39 -7.25 7.60
C HIS B 101 -13.36 -7.60 6.13
N GLY B 102 -12.17 -7.60 5.58
CA GLY B 102 -11.98 -7.98 4.20
C GLY B 102 -12.43 -6.91 3.22
N GLY B 103 -12.13 -7.20 1.95
CA GLY B 103 -12.54 -6.33 0.85
C GLY B 103 -12.08 -4.90 1.03
N THR B 104 -12.92 -3.98 0.55
CA THR B 104 -12.54 -2.57 0.55
C THR B 104 -12.48 -1.98 1.95
N GLY B 105 -13.16 -2.62 2.92
CA GLY B 105 -13.08 -2.14 4.28
C GLY B 105 -11.73 -2.29 4.92
N GLU B 106 -11.01 -3.31 4.52
CA GLU B 106 -9.75 -3.66 5.17
C GLU B 106 -8.55 -3.46 4.28
N ASP B 107 -8.75 -3.35 2.94
CA ASP B 107 -7.61 -3.34 2.02
C ASP B 107 -7.06 -1.96 1.74
N GLY B 108 -7.41 -0.95 2.51
CA GLY B 108 -6.93 0.39 2.28
C GLY B 108 -7.91 1.27 1.50
N THR B 109 -8.88 0.69 0.79
CA THR B 109 -9.79 1.51 0.00
C THR B 109 -10.59 2.46 0.86
N LEU B 110 -11.30 1.91 1.85
CA LEU B 110 -12.07 2.76 2.74
C LEU B 110 -11.18 3.74 3.50
N GLN B 111 -9.99 3.31 3.92
CA GLN B 111 -9.08 4.20 4.64
C GLN B 111 -8.73 5.40 3.77
N ALA B 112 -8.48 5.17 2.47
CA ALA B 112 -8.17 6.28 1.57
C ALA B 112 -9.38 7.20 1.39
N LEU B 113 -10.57 6.63 1.30
CA LEU B 113 -11.78 7.48 1.22
C LEU B 113 -11.91 8.36 2.44
N LEU B 114 -11.70 7.79 3.63
CA LEU B 114 -11.77 8.56 4.86
C LEU B 114 -10.67 9.60 4.93
N ASP B 115 -9.43 9.24 4.51
CA ASP B 115 -8.35 10.22 4.42
C ASP B 115 -8.77 11.40 3.55
N ALA B 116 -9.35 11.12 2.41
CA ALA B 116 -9.71 12.20 1.50
C ALA B 116 -10.76 13.09 2.10
N GLY B 117 -11.66 12.55 2.89
CA GLY B 117 -12.67 13.37 3.51
C GLY B 117 -12.24 14.03 4.80
N GLY B 118 -11.01 13.79 5.25
CA GLY B 118 -10.49 14.38 6.47
C GLY B 118 -11.06 13.77 7.73
N PHE B 119 -11.51 12.51 7.67
CA PHE B 119 -12.14 11.86 8.81
C PHE B 119 -11.14 11.02 9.61
N ALA B 120 -11.36 10.98 10.92
CA ALA B 120 -10.56 10.10 11.74
C ALA B 120 -11.17 8.70 11.81
N TYR B 121 -10.32 7.69 11.86
CA TYR B 121 -10.81 6.31 11.88
C TYR B 121 -9.80 5.46 12.65
N THR B 122 -10.23 4.26 13.02
CA THR B 122 -9.44 3.33 13.80
C THR B 122 -8.66 2.37 12.89
N GLY B 123 -7.66 1.75 13.50
CA GLY B 123 -6.78 0.78 12.82
C GLY B 123 -5.73 1.47 11.97
N SER B 124 -5.28 0.79 10.94
CA SER B 124 -4.12 1.20 10.16
C SER B 124 -4.54 2.05 8.96
N GLY B 125 -3.53 2.77 8.43
CA GLY B 125 -3.78 3.69 7.32
C GLY B 125 -3.83 2.96 6.00
N HIS B 126 -3.84 3.77 4.92
CA HIS B 126 -4.05 3.24 3.57
C HIS B 126 -2.95 2.25 3.17
N LEU B 127 -1.69 2.68 3.17
CA LEU B 127 -0.61 1.82 2.74
C LEU B 127 -0.53 0.59 3.60
N ALA B 128 -0.55 0.78 4.91
CA ALA B 128 -0.38 -0.34 5.82
C ALA B 128 -1.50 -1.35 5.61
N SER B 129 -2.73 -0.89 5.45
CA SER B 129 -3.83 -1.83 5.29
C SER B 129 -3.72 -2.57 3.96
N ALA B 130 -3.30 -1.86 2.89
CA ALA B 130 -3.21 -2.50 1.60
C ALA B 130 -2.10 -3.55 1.65
N MET B 131 -0.95 -3.24 2.25
CA MET B 131 0.13 -4.24 2.34
C MET B 131 -0.26 -5.46 3.15
N ALA B 132 -0.87 -5.24 4.33
CA ALA B 132 -1.19 -6.38 5.17
C ALA B 132 -2.20 -7.31 4.51
N MET B 133 -3.11 -6.77 3.73
CA MET B 133 -4.04 -7.56 2.96
C MET B 133 -3.46 -8.35 1.84
N ASP B 134 -2.35 -7.92 1.31
CA ASP B 134 -1.69 -8.61 0.20
C ASP B 134 -0.76 -9.62 0.82
N LYS B 135 -1.21 -10.88 0.97
CA LYS B 135 -0.41 -11.83 1.75
C LYS B 135 1.01 -11.99 1.23
N ASP B 136 1.15 -12.02 -0.09
CA ASP B 136 2.44 -12.11 -0.78
C ASP B 136 3.37 -10.98 -0.39
N VAL B 137 2.94 -9.73 -0.63
CA VAL B 137 3.78 -8.58 -0.25
C VAL B 137 4.10 -8.60 1.23
N ALA B 138 3.11 -8.90 2.07
CA ALA B 138 3.36 -8.92 3.50
C ALA B 138 4.46 -9.92 3.83
N LYS B 139 4.44 -11.09 3.21
CA LYS B 139 5.47 -12.09 3.48
C LYS B 139 6.86 -11.68 2.98
N ARG B 140 6.95 -10.93 1.89
CA ARG B 140 8.24 -10.38 1.50
C ARG B 140 8.74 -9.44 2.58
N LEU B 141 7.86 -8.64 3.14
CA LEU B 141 8.26 -7.74 4.21
C LEU B 141 8.60 -8.46 5.49
N PHE B 142 7.89 -9.55 5.80
CA PHE B 142 8.26 -10.39 6.95
C PHE B 142 9.72 -10.80 6.81
N LEU B 143 10.08 -11.35 5.65
CA LEU B 143 11.47 -11.79 5.48
C LEU B 143 12.43 -10.62 5.59
N ALA B 144 12.08 -9.45 5.02
CA ALA B 144 12.96 -8.31 5.10
C ALA B 144 13.17 -7.89 6.55
N ALA B 145 12.18 -8.10 7.43
CA ALA B 145 12.26 -7.78 8.85
C ALA B 145 12.81 -8.91 9.69
N GLY B 146 13.30 -9.99 9.10
CA GLY B 146 13.83 -11.04 9.95
C GLY B 146 12.77 -11.91 10.59
N VAL B 147 11.58 -11.98 9.99
CA VAL B 147 10.48 -12.80 10.50
C VAL B 147 10.29 -13.98 9.56
N GLU B 148 10.49 -15.20 10.09
CA GLU B 148 10.42 -16.40 9.29
C GLU B 148 9.03 -16.57 8.70
N THR B 149 8.95 -17.08 7.50
CA THR B 149 7.68 -17.29 6.81
C THR B 149 7.86 -18.40 5.78
N ALA B 150 6.82 -19.17 5.56
CA ALA B 150 6.95 -20.34 4.70
C ALA B 150 7.14 -19.96 3.23
N SER B 151 7.89 -20.77 2.52
CA SER B 151 8.08 -20.58 1.08
C SER B 151 6.75 -20.58 0.34
N TRP B 152 6.69 -19.81 -0.75
CA TRP B 152 5.45 -19.69 -1.48
C TRP B 152 5.73 -19.37 -2.94
N LEU B 153 4.74 -19.67 -3.76
CA LEU B 153 4.68 -19.25 -5.15
C LEU B 153 3.30 -18.65 -5.38
N MET B 154 3.19 -17.77 -6.36
CA MET B 154 1.87 -17.26 -6.78
C MET B 154 1.46 -18.00 -8.03
N ALA B 155 0.17 -18.35 -8.12
CA ALA B 155 -0.34 -19.04 -9.31
C ALA B 155 -0.24 -18.11 -10.52
N PRO B 156 0.00 -18.68 -11.73
CA PRO B 156 0.25 -20.09 -12.00
C PRO B 156 1.65 -20.54 -11.62
N ALA B 157 1.73 -21.81 -11.25
CA ALA B 157 3.02 -22.44 -11.05
C ALA B 157 3.01 -23.81 -11.71
N SER B 158 4.14 -24.16 -12.31
CA SER B 158 4.18 -25.43 -13.02
C SER B 158 4.35 -26.60 -12.05
N GLU B 159 4.08 -27.81 -12.56
CA GLU B 159 4.26 -29.00 -11.74
C GLU B 159 5.69 -29.09 -11.22
N GLU B 160 6.68 -28.72 -12.04
CA GLU B 160 8.07 -28.81 -11.58
C GLU B 160 8.38 -27.77 -10.51
N GLU B 161 7.92 -26.53 -10.69
CA GLU B 161 8.13 -25.52 -9.67
C GLU B 161 7.52 -25.93 -8.34
N VAL B 162 6.32 -26.48 -8.38
CA VAL B 162 5.63 -26.83 -7.14
C VAL B 162 6.36 -27.99 -6.47
N ARG B 163 6.69 -29.02 -7.24
CA ARG B 163 7.37 -30.19 -6.69
C ARG B 163 8.74 -29.84 -6.13
N GLU B 164 9.48 -28.96 -6.81
CA GLU B 164 10.83 -28.67 -6.38
C GLU B 164 10.86 -27.77 -5.16
N GLN B 165 10.03 -26.73 -5.15
CA GLN B 165 10.10 -25.68 -4.14
C GLN B 165 9.13 -25.85 -2.99
N LEU B 166 7.97 -26.43 -3.21
CA LEU B 166 6.94 -26.48 -2.18
C LEU B 166 6.69 -27.88 -1.64
N GLY B 167 6.47 -28.84 -2.49
CA GLY B 167 6.13 -30.16 -2.02
C GLY B 167 4.71 -30.22 -1.51
N PHE B 168 4.28 -31.43 -1.16
CA PHE B 168 2.92 -31.76 -0.74
C PHE B 168 2.92 -32.35 0.68
N PRO B 169 1.88 -32.10 1.46
CA PRO B 169 0.78 -31.19 1.11
C PRO B 169 1.20 -29.73 1.10
N LEU B 170 0.40 -28.89 0.45
CA LEU B 170 0.63 -27.46 0.42
C LEU B 170 -0.72 -26.78 0.62
N VAL B 171 -0.66 -25.47 0.91
CA VAL B 171 -1.86 -24.68 1.10
C VAL B 171 -2.09 -23.82 -0.12
N VAL B 172 -3.32 -23.79 -0.59
CA VAL B 172 -3.74 -22.83 -1.62
C VAL B 172 -4.68 -21.85 -0.95
N LYS B 173 -4.44 -20.57 -1.14
CA LYS B 173 -5.37 -19.63 -0.55
C LYS B 173 -5.43 -18.38 -1.40
N PRO B 174 -6.56 -17.68 -1.39
CA PRO B 174 -6.59 -16.36 -2.01
C PRO B 174 -5.50 -15.50 -1.39
N ASN B 175 -4.94 -14.62 -2.19
CA ASN B 175 -3.95 -13.69 -1.63
C ASN B 175 -4.54 -12.70 -0.68
N SER B 176 -5.85 -12.45 -0.74
CA SER B 176 -6.46 -11.35 0.00
C SER B 176 -7.85 -11.66 0.58
N GLN B 177 -8.05 -12.78 1.21
CA GLN B 177 -9.28 -13.13 1.89
C GLN B 177 -9.05 -13.06 3.40
N GLY B 178 -10.12 -13.42 4.13
CA GLY B 178 -10.05 -13.60 5.57
C GLY B 178 -10.92 -14.78 5.95
N SER B 179 -10.89 -15.17 7.21
CA SER B 179 -11.82 -16.18 7.74
C SER B 179 -11.68 -17.56 7.07
N THR B 180 -10.51 -17.84 6.55
CA THR B 180 -10.14 -19.09 5.91
C THR B 180 -11.03 -19.24 4.63
N VAL B 181 -11.61 -18.17 4.09
CA VAL B 181 -12.44 -18.27 2.88
C VAL B 181 -11.53 -18.58 1.69
N GLY B 182 -11.95 -19.57 0.87
CA GLY B 182 -11.25 -19.93 -0.36
C GLY B 182 -10.02 -20.80 -0.19
N LEU B 183 -9.71 -21.24 1.02
CA LEU B 183 -8.45 -21.92 1.29
C LEU B 183 -8.63 -23.43 1.23
N SER B 184 -7.66 -24.13 0.66
CA SER B 184 -7.65 -25.60 0.60
C SER B 184 -6.29 -26.13 0.99
N ILE B 185 -6.29 -27.32 1.58
CA ILE B 185 -5.09 -28.12 1.68
C ILE B 185 -5.03 -29.05 0.48
N VAL B 186 -3.94 -29.01 -0.25
CA VAL B 186 -3.72 -29.80 -1.47
C VAL B 186 -2.75 -30.91 -1.10
N HIS B 187 -3.19 -32.16 -1.25
CA HIS B 187 -2.37 -33.31 -0.88
C HIS B 187 -1.63 -33.91 -2.04
N SER B 188 -1.97 -33.55 -3.28
CA SER B 188 -1.30 -34.10 -4.46
C SER B 188 -1.49 -33.16 -5.64
N GLN B 189 -0.69 -33.39 -6.69
CA GLN B 189 -0.71 -32.50 -7.85
C GLN B 189 -2.10 -32.43 -8.46
N ALA B 190 -2.83 -33.57 -8.48
CA ALA B 190 -4.16 -33.61 -9.10
C ALA B 190 -5.16 -32.70 -8.39
N GLU B 191 -4.95 -32.38 -7.13
CA GLU B 191 -5.86 -31.53 -6.38
C GLU B 191 -5.56 -30.04 -6.57
N LEU B 192 -4.44 -29.74 -7.20
CA LEU B 192 -3.95 -28.36 -7.21
C LEU B 192 -4.85 -27.43 -8.01
N GLN B 193 -5.11 -27.79 -9.30
CA GLN B 193 -5.94 -26.91 -10.13
C GLN B 193 -7.32 -26.64 -9.54
N PRO B 194 -8.07 -27.63 -9.05
CA PRO B 194 -9.37 -27.32 -8.47
C PRO B 194 -9.23 -26.35 -7.28
N ALA B 195 -8.14 -26.46 -6.48
CA ALA B 195 -7.97 -25.53 -5.38
C ALA B 195 -7.66 -24.13 -5.88
N ILE B 196 -6.85 -23.99 -6.91
CA ILE B 196 -6.55 -22.67 -7.46
C ILE B 196 -7.82 -22.04 -8.02
N GLU B 197 -8.65 -22.84 -8.70
CA GLU B 197 -9.89 -22.28 -9.24
C GLU B 197 -10.83 -21.84 -8.12
N LEU B 198 -10.90 -22.62 -7.06
CA LEU B 198 -11.70 -22.23 -5.90
C LEU B 198 -11.22 -20.91 -5.33
N ALA B 199 -9.92 -20.77 -5.11
CA ALA B 199 -9.39 -19.57 -4.50
C ALA B 199 -9.59 -18.37 -5.42
N GLY B 200 -9.52 -18.62 -6.74
CA GLY B 200 -9.74 -17.54 -7.68
C GLY B 200 -11.17 -17.05 -7.79
N ARG B 201 -12.13 -17.71 -7.19
CA ARG B 201 -13.48 -17.15 -7.10
C ARG B 201 -13.56 -16.09 -6.02
N TYR B 202 -12.49 -15.92 -5.24
CA TYR B 202 -12.55 -15.06 -4.07
C TYR B 202 -11.55 -13.93 -4.11
N GLY B 203 -10.97 -13.66 -5.26
CA GLY B 203 -10.04 -12.55 -5.43
C GLY B 203 -9.22 -12.78 -6.68
N ASP B 204 -8.25 -11.91 -6.87
CA ASP B 204 -7.52 -11.82 -8.14
C ASP B 204 -6.20 -12.60 -8.18
N GLU B 205 -5.51 -12.76 -7.07
CA GLU B 205 -4.26 -13.48 -6.98
C GLU B 205 -4.42 -14.67 -6.05
N VAL B 206 -3.66 -15.74 -6.30
CA VAL B 206 -3.79 -16.97 -5.53
C VAL B 206 -2.40 -17.42 -5.11
N MET B 207 -2.24 -17.73 -3.79
CA MET B 207 -0.95 -18.13 -3.26
C MET B 207 -0.91 -19.66 -3.06
N LEU B 208 0.24 -20.23 -3.33
CA LEU B 208 0.58 -21.62 -3.01
C LEU B 208 1.68 -21.54 -1.96
N GLU B 209 1.42 -22.05 -0.75
CA GLU B 209 2.34 -21.89 0.37
C GLU B 209 2.65 -23.24 0.96
N ARG B 210 3.90 -23.42 1.38
CA ARG B 210 4.25 -24.68 2.05
C ARG B 210 3.41 -24.86 3.31
N PHE B 211 2.94 -26.08 3.53
CA PHE B 211 2.14 -26.39 4.70
C PHE B 211 3.04 -26.59 5.91
N VAL B 212 2.71 -25.92 7.01
CA VAL B 212 3.48 -26.02 8.25
C VAL B 212 2.68 -26.86 9.21
N ALA B 213 3.16 -28.08 9.48
CA ALA B 213 2.49 -28.95 10.42
C ALA B 213 2.87 -28.50 11.82
N GLY B 214 1.93 -28.61 12.74
CA GLY B 214 2.24 -28.31 14.13
C GLY B 214 1.10 -27.61 14.85
N ARG B 215 1.40 -26.58 15.61
CA ARG B 215 0.45 -25.92 16.48
C ARG B 215 0.05 -24.56 15.90
N GLU B 216 -1.10 -24.07 16.33
CA GLU B 216 -1.71 -22.86 15.78
C GLU B 216 -1.61 -21.80 16.87
N VAL B 217 -0.89 -20.69 16.60
CA VAL B 217 -0.64 -19.66 17.61
C VAL B 217 -1.00 -18.27 17.07
N THR B 218 -1.31 -17.35 17.95
CA THR B 218 -1.70 -16.02 17.51
C THR B 218 -1.28 -14.96 18.52
N VAL B 219 -0.88 -13.79 18.03
CA VAL B 219 -0.41 -12.71 18.91
C VAL B 219 -1.14 -11.44 18.53
N GLY B 220 -1.88 -10.90 19.48
CA GLY B 220 -2.42 -9.56 19.37
C GLY B 220 -1.39 -8.50 19.75
N VAL B 221 -1.49 -7.32 19.13
CA VAL B 221 -0.71 -6.16 19.52
C VAL B 221 -1.70 -5.02 19.74
N LEU B 222 -1.51 -4.27 20.83
CA LEU B 222 -2.26 -3.04 21.10
C LEU B 222 -1.25 -1.93 21.33
N ASP B 223 -1.32 -0.87 20.54
CA ASP B 223 -0.36 0.25 20.55
C ASP B 223 1.09 -0.14 20.90
N ASP B 224 1.74 -0.87 20.04
CA ASP B 224 3.14 -1.22 20.20
C ASP B 224 3.47 -2.06 21.44
N GLN B 225 2.49 -2.74 22.06
CA GLN B 225 2.76 -3.79 23.03
C GLN B 225 2.11 -5.10 22.62
N ALA B 226 2.84 -6.20 22.85
CA ALA B 226 2.26 -7.50 22.55
C ALA B 226 1.33 -7.92 23.68
N LEU B 227 0.27 -8.61 23.35
CA LEU B 227 -0.64 -9.22 24.30
C LEU B 227 -0.25 -10.67 24.51
N PRO B 228 -0.80 -11.33 25.52
CA PRO B 228 -0.46 -12.74 25.77
C PRO B 228 -0.76 -13.57 24.55
N VAL B 229 0.13 -14.54 24.28
CA VAL B 229 0.00 -15.42 23.12
C VAL B 229 -1.18 -16.33 23.34
N GLY B 230 -1.91 -16.64 22.26
CA GLY B 230 -2.98 -17.62 22.31
C GLY B 230 -2.67 -18.83 21.45
N GLU B 231 -3.18 -19.99 21.87
CA GLU B 231 -3.11 -21.20 21.08
C GLU B 231 -4.52 -21.66 20.75
N ILE B 232 -4.73 -22.09 19.51
CA ILE B 232 -6.00 -22.68 19.11
C ILE B 232 -5.76 -24.19 19.01
N LEU B 233 -6.52 -24.97 19.76
CA LEU B 233 -6.36 -26.43 19.82
C LEU B 233 -7.21 -27.06 18.73
N LEU B 234 -6.59 -27.52 17.65
CA LEU B 234 -7.32 -27.97 16.45
C LEU B 234 -7.70 -29.45 16.50
N GLY B 235 -7.22 -30.22 17.47
CA GLY B 235 -7.52 -31.65 17.44
C GLY B 235 -6.88 -32.29 16.21
N GLY B 236 -7.66 -33.03 15.47
CA GLY B 236 -6.98 -33.60 14.33
C GLY B 236 -6.85 -32.70 13.12
N GLN B 237 -7.40 -31.49 13.17
CA GLN B 237 -7.66 -30.76 11.94
C GLN B 237 -6.42 -30.13 11.35
N GLU B 238 -6.37 -30.13 10.02
CA GLU B 238 -5.20 -29.56 9.37
C GLU B 238 -5.22 -28.05 9.51
N VAL B 239 -6.42 -27.45 9.42
CA VAL B 239 -6.56 -26.00 9.41
C VAL B 239 -7.69 -25.53 10.31
N PHE B 240 -7.60 -24.24 10.62
CA PHE B 240 -8.56 -23.54 11.46
C PHE B 240 -9.55 -22.89 10.50
N ASP B 241 -10.75 -23.44 10.42
CA ASP B 241 -11.68 -23.09 9.34
C ASP B 241 -12.83 -22.17 9.80
N TYR B 242 -13.66 -21.74 8.85
CA TYR B 242 -14.71 -20.75 9.13
C TYR B 242 -15.69 -21.23 10.18
N GLU B 243 -16.04 -22.52 10.14
CA GLU B 243 -16.97 -23.05 11.12
C GLU B 243 -16.37 -23.00 12.52
N HIS B 244 -15.13 -23.41 12.65
CA HIS B 244 -14.50 -23.50 13.96
C HIS B 244 -14.08 -22.14 14.50
N LYS B 245 -13.91 -21.12 13.63
CA LYS B 245 -13.55 -19.79 14.08
C LYS B 245 -14.69 -19.10 14.79
N TYR B 246 -15.94 -19.35 14.35
CA TYR B 246 -17.04 -18.47 14.76
C TYR B 246 -18.18 -19.15 15.49
N GLN B 247 -18.21 -20.48 15.58
CA GLN B 247 -19.20 -21.19 16.41
C GLN B 247 -18.64 -21.32 17.83
N ALA B 248 -19.38 -20.82 18.81
CA ALA B 248 -18.91 -20.83 20.19
C ALA B 248 -18.53 -22.25 20.64
N GLY B 249 -17.35 -22.36 21.23
CA GLY B 249 -16.85 -23.58 21.83
C GLY B 249 -16.42 -24.65 20.83
N ALA B 250 -16.40 -24.34 19.52
CA ALA B 250 -16.05 -25.33 18.51
C ALA B 250 -14.61 -25.80 18.65
N VAL B 251 -13.71 -24.93 19.12
CA VAL B 251 -12.35 -25.29 19.47
C VAL B 251 -12.03 -24.60 20.78
N ARG B 252 -11.12 -25.14 21.53
CA ARG B 252 -10.56 -24.44 22.66
C ARG B 252 -9.51 -23.44 22.19
N GLU B 253 -9.50 -22.29 22.83
CA GLU B 253 -8.54 -21.23 22.55
C GLU B 253 -7.97 -20.81 23.90
N VAL B 254 -6.65 -20.90 24.04
CA VAL B 254 -6.00 -20.83 25.36
C VAL B 254 -5.14 -19.59 25.36
N PHE B 255 -5.43 -18.68 26.31
CA PHE B 255 -4.65 -17.47 26.52
C PHE B 255 -4.41 -17.31 28.01
N PRO B 256 -3.18 -17.21 28.47
CA PRO B 256 -1.96 -17.37 27.70
C PRO B 256 -1.76 -18.83 27.31
N ALA B 257 -1.20 -19.06 26.13
CA ALA B 257 -0.99 -20.40 25.63
C ALA B 257 -0.03 -21.16 26.52
N ASP B 258 -0.20 -22.50 26.54
CA ASP B 258 0.73 -23.38 27.26
C ASP B 258 1.91 -23.71 26.36
N LEU B 259 2.78 -22.73 26.24
CA LEU B 259 3.99 -22.81 25.45
C LEU B 259 5.21 -22.65 26.34
N PRO B 260 6.37 -23.18 25.94
CA PRO B 260 7.60 -22.81 26.63
C PRO B 260 7.75 -21.30 26.61
N PRO B 261 8.12 -20.69 27.71
CA PRO B 261 8.12 -19.22 27.74
C PRO B 261 9.02 -18.59 26.70
N ALA B 262 10.15 -19.21 26.31
CA ALA B 262 10.98 -18.58 25.30
C ALA B 262 10.30 -18.60 23.94
N ILE B 263 9.46 -19.59 23.68
CA ILE B 263 8.74 -19.63 22.41
C ILE B 263 7.65 -18.57 22.39
N ALA B 264 6.91 -18.44 23.49
CA ALA B 264 5.89 -17.40 23.53
C ALA B 264 6.51 -16.01 23.42
N ALA B 265 7.65 -15.82 24.10
CA ALA B 265 8.30 -14.50 24.02
C ALA B 265 8.77 -14.20 22.60
N GLU B 266 9.28 -15.21 21.91
CA GLU B 266 9.70 -15.03 20.51
C GLU B 266 8.52 -14.73 19.60
N ALA B 267 7.38 -15.38 19.82
CA ALA B 267 6.21 -15.05 19.01
C ALA B 267 5.82 -13.57 19.20
N GLN B 268 5.88 -13.09 20.45
CA GLN B 268 5.57 -11.67 20.71
C GLN B 268 6.58 -10.75 20.06
N ARG B 269 7.87 -11.08 20.12
CA ARG B 269 8.90 -10.28 19.50
C ARG B 269 8.66 -10.19 18.00
N LEU B 270 8.39 -11.33 17.37
CA LEU B 270 8.16 -11.38 15.94
C LEU B 270 6.90 -10.61 15.56
N ALA B 271 5.80 -10.75 16.32
CA ALA B 271 4.58 -10.00 16.00
C ALA B 271 4.84 -8.51 16.04
N LEU B 272 5.57 -8.01 17.06
CA LEU B 272 5.88 -6.59 17.11
C LEU B 272 6.73 -6.16 15.92
N LYS B 273 7.69 -7.01 15.52
CA LYS B 273 8.48 -6.69 14.32
C LYS B 273 7.59 -6.60 13.08
N VAL B 274 6.58 -7.46 13.00
CA VAL B 274 5.68 -7.43 11.85
C VAL B 274 4.85 -6.16 11.86
N HIS B 275 4.29 -5.85 13.04
CA HIS B 275 3.45 -4.67 13.19
C HIS B 275 4.22 -3.41 12.79
N ARG B 276 5.46 -3.31 13.26
CA ARG B 276 6.29 -2.16 12.90
C ARG B 276 6.69 -2.17 11.43
N ALA B 277 7.05 -3.34 10.90
CA ALA B 277 7.53 -3.44 9.53
C ALA B 277 6.48 -2.97 8.55
N LEU B 278 5.21 -3.33 8.77
CA LEU B 278 4.15 -2.94 7.86
C LEU B 278 3.55 -1.58 8.22
N LYS B 279 4.10 -0.90 9.20
CA LYS B 279 3.70 0.49 9.51
C LYS B 279 2.26 0.52 10.01
N LEU B 280 1.86 -0.54 10.72
CA LEU B 280 0.51 -0.65 11.24
C LEU B 280 0.29 0.38 12.37
N SER B 281 -0.98 0.68 12.65
N SER B 281 -0.98 0.64 12.70
CA SER B 281 -1.34 1.58 13.74
CA SER B 281 -1.28 1.53 13.80
C SER B 281 -2.43 0.96 14.61
C SER B 281 -2.45 1.00 14.62
N GLY B 282 -2.44 1.33 15.89
CA GLY B 282 -3.57 1.02 16.74
C GLY B 282 -3.51 -0.37 17.35
N TYR B 283 -3.67 -1.37 16.49
CA TYR B 283 -3.75 -2.75 16.95
C TYR B 283 -3.63 -3.64 15.76
N SER B 284 -3.37 -4.93 16.01
CA SER B 284 -3.29 -5.92 14.94
C SER B 284 -3.32 -7.32 15.56
N ARG B 285 -3.42 -8.33 14.72
CA ARG B 285 -3.25 -9.69 15.22
C ARG B 285 -2.50 -10.48 14.16
N THR B 286 -1.41 -11.13 14.60
CA THR B 286 -0.51 -11.88 13.74
C THR B 286 -0.67 -13.37 14.02
N ASP B 287 -0.77 -14.17 12.95
CA ASP B 287 -0.97 -15.61 13.07
C ASP B 287 0.30 -16.35 12.72
N PHE B 288 0.61 -17.40 13.47
CA PHE B 288 1.78 -18.24 13.25
C PHE B 288 1.39 -19.70 13.30
N ARG B 289 2.17 -20.50 12.59
CA ARG B 289 2.20 -21.94 12.86
C ARG B 289 3.53 -22.25 13.55
N LEU B 290 3.46 -23.02 14.61
CA LEU B 290 4.62 -23.46 15.38
C LEU B 290 4.90 -24.88 14.93
N ASP B 291 6.05 -25.05 14.23
CA ASP B 291 6.32 -26.38 13.70
C ASP B 291 6.75 -27.33 14.83
N GLU B 292 6.88 -28.60 14.46
CA GLU B 292 7.14 -29.66 15.42
C GLU B 292 8.55 -29.60 15.97
N GLN B 293 9.44 -28.78 15.39
CA GLN B 293 10.77 -28.53 15.92
C GLN B 293 10.84 -27.25 16.74
N GLY B 294 9.73 -26.60 16.98
CA GLY B 294 9.73 -25.42 17.80
C GLY B 294 10.01 -24.10 17.10
N ARG B 295 9.93 -24.06 15.78
CA ARG B 295 10.19 -22.86 15.01
C ARG B 295 8.85 -22.24 14.59
N LEU B 296 8.77 -20.92 14.70
CA LEU B 296 7.58 -20.16 14.36
C LEU B 296 7.62 -19.71 12.91
N TRP B 297 6.48 -19.80 12.24
CA TRP B 297 6.33 -19.43 10.83
C TRP B 297 5.16 -18.45 10.78
N CYS B 298 5.40 -17.26 10.31
CA CYS B 298 4.37 -16.24 10.27
C CYS B 298 3.50 -16.38 9.03
N LEU B 299 2.20 -16.57 9.24
CA LEU B 299 1.26 -16.68 8.12
C LEU B 299 0.88 -15.32 7.57
N GLU B 300 0.46 -14.43 8.46
CA GLU B 300 -0.14 -13.18 8.00
C GLU B 300 -0.34 -12.30 9.22
N VAL B 301 -0.67 -11.03 8.95
CA VAL B 301 -1.11 -10.11 9.99
C VAL B 301 -2.41 -9.47 9.52
N ASN B 302 -3.29 -9.23 10.47
CA ASN B 302 -4.61 -8.67 10.25
C ASN B 302 -4.66 -7.30 10.89
N THR B 303 -5.03 -6.30 10.11
CA THR B 303 -5.18 -4.95 10.62
C THR B 303 -6.57 -4.68 11.20
N LEU B 304 -7.60 -5.41 10.77
CA LEU B 304 -8.94 -5.31 11.32
C LEU B 304 -9.37 -6.68 11.83
N PRO B 305 -8.64 -7.26 12.79
CA PRO B 305 -8.97 -8.61 13.28
C PRO B 305 -10.39 -8.70 13.83
N GLY B 306 -10.92 -9.90 13.84
CA GLY B 306 -12.26 -10.13 14.39
C GLY B 306 -12.39 -9.61 15.79
N MET B 307 -13.60 -9.09 16.08
CA MET B 307 -13.91 -8.57 17.39
C MET B 307 -15.21 -9.21 17.91
N THR B 308 -15.55 -10.38 17.39
CA THR B 308 -16.76 -11.05 17.82
C THR B 308 -16.56 -11.61 19.23
N ALA B 309 -17.68 -12.13 19.79
CA ALA B 309 -17.60 -12.71 21.12
C ALA B 309 -16.82 -14.02 21.14
N THR B 310 -16.52 -14.65 19.99
CA THR B 310 -15.64 -15.82 19.97
C THR B 310 -14.25 -15.50 19.45
N SER B 311 -13.97 -14.22 19.14
CA SER B 311 -12.74 -13.86 18.45
C SER B 311 -11.52 -13.87 19.35
N LEU B 312 -10.37 -13.88 18.72
CA LEU B 312 -9.07 -14.05 19.37
C LEU B 312 -8.57 -12.77 20.02
N LEU B 313 -8.62 -11.65 19.29
CA LEU B 313 -8.06 -10.41 19.85
C LEU B 313 -8.73 -10.00 21.16
N PRO B 314 -10.04 -10.05 21.30
CA PRO B 314 -10.61 -9.68 22.59
C PRO B 314 -10.13 -10.59 23.72
N GLN B 315 -9.98 -11.90 23.47
CA GLN B 315 -9.46 -12.80 24.49
C GLN B 315 -8.00 -12.51 24.85
N ALA B 316 -7.17 -12.12 23.91
CA ALA B 316 -5.80 -11.75 24.23
C ALA B 316 -5.79 -10.48 25.08
N ALA B 317 -6.61 -9.50 24.75
CA ALA B 317 -6.70 -8.29 25.58
C ALA B 317 -7.15 -8.65 26.97
N ALA B 318 -8.18 -9.51 27.10
CA ALA B 318 -8.65 -9.84 28.45
C ALA B 318 -7.54 -10.53 29.24
N ALA B 319 -6.75 -11.38 28.59
CA ALA B 319 -5.67 -12.04 29.31
C ALA B 319 -4.61 -11.04 29.77
N ALA B 320 -4.48 -9.91 29.08
CA ALA B 320 -3.59 -8.84 29.46
C ALA B 320 -4.17 -7.98 30.56
N GLY B 321 -5.40 -8.23 30.98
CA GLY B 321 -6.05 -7.37 31.97
C GLY B 321 -6.85 -6.24 31.37
N ILE B 322 -7.23 -6.34 30.08
CA ILE B 322 -7.92 -5.26 29.38
C ILE B 322 -9.29 -5.75 28.97
N GLY B 323 -10.34 -5.24 29.60
CA GLY B 323 -11.69 -5.57 29.21
C GLY B 323 -12.04 -5.03 27.82
N PHE B 324 -13.13 -5.54 27.25
CA PHE B 324 -13.41 -5.27 25.86
C PHE B 324 -13.83 -3.82 25.63
N ALA B 325 -14.62 -3.25 26.55
CA ALA B 325 -14.98 -1.85 26.39
C ALA B 325 -13.75 -0.98 26.43
N GLU B 326 -12.85 -1.26 27.36
CA GLU B 326 -11.64 -0.48 27.45
C GLU B 326 -10.80 -0.65 26.19
N LEU B 327 -10.69 -1.88 25.68
CA LEU B 327 -9.95 -2.11 24.44
C LEU B 327 -10.52 -1.25 23.31
N CYS B 328 -11.84 -1.23 23.17
CA CYS B 328 -12.46 -0.47 22.08
C CYS B 328 -12.22 1.02 22.27
N GLU B 329 -12.31 1.53 23.51
CA GLU B 329 -12.06 2.94 23.74
C GLU B 329 -10.63 3.29 23.39
N ARG B 330 -9.67 2.46 23.86
CA ARG B 330 -8.28 2.73 23.57
C ARG B 330 -8.04 2.76 22.07
N ILE B 331 -8.64 1.85 21.29
CA ILE B 331 -8.49 1.83 19.84
C ILE B 331 -9.04 3.13 19.25
N CYS B 332 -10.20 3.61 19.73
CA CYS B 332 -10.74 4.89 19.27
C CYS B 332 -9.75 6.01 19.50
N ARG B 333 -9.21 6.10 20.69
CA ARG B 333 -8.29 7.20 20.96
C ARG B 333 -7.00 7.09 20.15
N LEU B 334 -6.48 5.89 19.93
CA LEU B 334 -5.30 5.75 19.09
C LEU B 334 -5.59 6.21 17.67
N GLY B 335 -6.80 5.94 17.16
CA GLY B 335 -7.15 6.41 15.84
C GLY B 335 -7.29 7.90 15.77
N ILE B 336 -7.87 8.50 16.78
CA ILE B 336 -7.99 9.96 16.80
C ILE B 336 -6.62 10.61 16.84
N GLU B 337 -5.72 10.06 17.65
CA GLU B 337 -4.37 10.60 17.77
C GLU B 337 -3.64 10.51 16.45
N ARG B 338 -3.77 9.38 15.75
CA ARG B 338 -3.08 9.20 14.49
C ARG B 338 -3.59 10.19 13.45
N CYS B 339 -4.90 10.45 13.44
CA CYS B 339 -5.57 11.30 12.44
C CYS B 339 -5.70 12.77 12.79
#